data_137D
# 
_entry.id   137D 
# 
_audit_conform.dict_name       mmcif_pdbx.dic 
_audit_conform.dict_version    5.385 
_audit_conform.dict_location   http://mmcif.pdb.org/dictionaries/ascii/mmcif_pdbx.dic 
# 
loop_
_database_2.database_id 
_database_2.database_code 
_database_2.pdbx_database_accession 
_database_2.pdbx_DOI 
PDB   137D         pdb_0000137d 10.2210/pdb137d/pdb 
RCSB  ADJ050       ?            ?                   
WWPDB D_1000170086 ?            ?                   
# 
loop_
_pdbx_audit_revision_history.ordinal 
_pdbx_audit_revision_history.data_content_type 
_pdbx_audit_revision_history.major_revision 
_pdbx_audit_revision_history.minor_revision 
_pdbx_audit_revision_history.revision_date 
1 'Structure model' 1 0 1994-01-15 
2 'Structure model' 1 1 2008-05-22 
3 'Structure model' 1 2 2011-07-13 
4 'Structure model' 1 3 2024-02-07 
# 
_pdbx_audit_revision_details.ordinal             1 
_pdbx_audit_revision_details.revision_ordinal    1 
_pdbx_audit_revision_details.data_content_type   'Structure model' 
_pdbx_audit_revision_details.provider            repository 
_pdbx_audit_revision_details.type                'Initial release' 
_pdbx_audit_revision_details.description         ? 
_pdbx_audit_revision_details.details             ? 
# 
loop_
_pdbx_audit_revision_group.ordinal 
_pdbx_audit_revision_group.revision_ordinal 
_pdbx_audit_revision_group.data_content_type 
_pdbx_audit_revision_group.group 
1 2 'Structure model' 'Version format compliance' 
2 3 'Structure model' 'Version format compliance' 
3 4 'Structure model' 'Data collection'           
4 4 'Structure model' 'Database references'       
# 
loop_
_pdbx_audit_revision_category.ordinal 
_pdbx_audit_revision_category.revision_ordinal 
_pdbx_audit_revision_category.data_content_type 
_pdbx_audit_revision_category.category 
1 4 'Structure model' chem_comp_atom 
2 4 'Structure model' chem_comp_bond 
3 4 'Structure model' database_2     
# 
loop_
_pdbx_audit_revision_item.ordinal 
_pdbx_audit_revision_item.revision_ordinal 
_pdbx_audit_revision_item.data_content_type 
_pdbx_audit_revision_item.item 
1 4 'Structure model' '_database_2.pdbx_DOI'                
2 4 'Structure model' '_database_2.pdbx_database_accession' 
# 
_pdbx_database_status.status_code                     REL 
_pdbx_database_status.entry_id                        137D 
_pdbx_database_status.recvd_initial_deposition_date   1993-09-15 
_pdbx_database_status.deposit_site                    BNL 
_pdbx_database_status.process_site                    NDB 
_pdbx_database_status.status_code_sf                  REL 
_pdbx_database_status.status_code_mr                  ? 
_pdbx_database_status.SG_entry                        ? 
_pdbx_database_status.pdb_format_compatible           Y 
_pdbx_database_status.status_code_cs                  ? 
_pdbx_database_status.status_code_nmr_data            ? 
_pdbx_database_status.methods_development_category    ? 
# 
loop_
_audit_author.name 
_audit_author.pdbx_ordinal 
'Ramakrishnan, B.'  1 
'Sundaralingam, M.' 2 
# 
_citation.id                        primary 
_citation.title                     
;Evidence for crystal environment dominating base sequence effects on DNA conformation: crystal structures of the orthorhombic and hexagonal polymorphs of the A-DNA decamer d(GCGGGCCCGC) and comparison with their isomorphous crystal structures.
;
_citation.journal_abbrev            Biochemistry 
_citation.journal_volume            32 
_citation.page_first                11458 
_citation.page_last                 11468 
_citation.year                      1993 
_citation.journal_id_ASTM           BICHAW 
_citation.country                   US 
_citation.journal_id_ISSN           0006-2960 
_citation.journal_id_CSD            0033 
_citation.book_publisher            ? 
_citation.pdbx_database_id_PubMed   8218212 
_citation.pdbx_database_id_DOI      10.1021/bi00093a025 
# 
loop_
_citation_author.citation_id 
_citation_author.name 
_citation_author.ordinal 
_citation_author.identifier_ORCID 
primary 'Ramakrishnan, B.'  1 ? 
primary 'Sundaralingam, M.' 2 ? 
# 
loop_
_entity.id 
_entity.type 
_entity.src_method 
_entity.pdbx_description 
_entity.formula_weight 
_entity.pdbx_number_of_molecules 
_entity.pdbx_ec 
_entity.pdbx_mutation 
_entity.pdbx_fragment 
_entity.details 
1 polymer syn 
;DNA (5'-D(*GP*CP*GP*GP*GP*CP*CP*CP*GP*C)-3')
;
3046.980 2   ? ? ? ? 
2 water   nat water                                          18.015   101 ? ? ? ? 
# 
_entity_poly.entity_id                      1 
_entity_poly.type                           polydeoxyribonucleotide 
_entity_poly.nstd_linkage                   no 
_entity_poly.nstd_monomer                   no 
_entity_poly.pdbx_seq_one_letter_code       '(DG)(DC)(DG)(DG)(DG)(DC)(DC)(DC)(DG)(DC)' 
_entity_poly.pdbx_seq_one_letter_code_can   GCGGGCCCGC 
_entity_poly.pdbx_strand_id                 A,B 
_entity_poly.pdbx_target_identifier         ? 
# 
_pdbx_entity_nonpoly.entity_id   2 
_pdbx_entity_nonpoly.name        water 
_pdbx_entity_nonpoly.comp_id     HOH 
# 
loop_
_entity_poly_seq.entity_id 
_entity_poly_seq.num 
_entity_poly_seq.mon_id 
_entity_poly_seq.hetero 
1 1  DG n 
1 2  DC n 
1 3  DG n 
1 4  DG n 
1 5  DG n 
1 6  DC n 
1 7  DC n 
1 8  DC n 
1 9  DG n 
1 10 DC n 
# 
loop_
_chem_comp.id 
_chem_comp.type 
_chem_comp.mon_nstd_flag 
_chem_comp.name 
_chem_comp.pdbx_synonyms 
_chem_comp.formula 
_chem_comp.formula_weight 
DC  'DNA linking' y "2'-DEOXYCYTIDINE-5'-MONOPHOSPHATE"  ? 'C9 H14 N3 O7 P'  307.197 
DG  'DNA linking' y "2'-DEOXYGUANOSINE-5'-MONOPHOSPHATE" ? 'C10 H14 N5 O7 P' 347.221 
HOH non-polymer   . WATER                                ? 'H2 O'            18.015  
# 
loop_
_pdbx_poly_seq_scheme.asym_id 
_pdbx_poly_seq_scheme.entity_id 
_pdbx_poly_seq_scheme.seq_id 
_pdbx_poly_seq_scheme.mon_id 
_pdbx_poly_seq_scheme.ndb_seq_num 
_pdbx_poly_seq_scheme.pdb_seq_num 
_pdbx_poly_seq_scheme.auth_seq_num 
_pdbx_poly_seq_scheme.pdb_mon_id 
_pdbx_poly_seq_scheme.auth_mon_id 
_pdbx_poly_seq_scheme.pdb_strand_id 
_pdbx_poly_seq_scheme.pdb_ins_code 
_pdbx_poly_seq_scheme.hetero 
A 1 1  DG 1  1  1  DG G A . n 
A 1 2  DC 2  2  2  DC C A . n 
A 1 3  DG 3  3  3  DG G A . n 
A 1 4  DG 4  4  4  DG G A . n 
A 1 5  DG 5  5  5  DG G A . n 
A 1 6  DC 6  6  6  DC C A . n 
A 1 7  DC 7  7  7  DC C A . n 
A 1 8  DC 8  8  8  DC C A . n 
A 1 9  DG 9  9  9  DG G A . n 
A 1 10 DC 10 10 10 DC C A . n 
B 1 1  DG 1  11 11 DG G B . n 
B 1 2  DC 2  12 12 DC C B . n 
B 1 3  DG 3  13 13 DG G B . n 
B 1 4  DG 4  14 14 DG G B . n 
B 1 5  DG 5  15 15 DG G B . n 
B 1 6  DC 6  16 16 DC C B . n 
B 1 7  DC 7  17 17 DC C B . n 
B 1 8  DC 8  18 18 DC C B . n 
B 1 9  DG 9  19 19 DG G B . n 
B 1 10 DC 10 20 20 DC C B . n 
# 
loop_
_pdbx_nonpoly_scheme.asym_id 
_pdbx_nonpoly_scheme.entity_id 
_pdbx_nonpoly_scheme.mon_id 
_pdbx_nonpoly_scheme.ndb_seq_num 
_pdbx_nonpoly_scheme.pdb_seq_num 
_pdbx_nonpoly_scheme.auth_seq_num 
_pdbx_nonpoly_scheme.pdb_mon_id 
_pdbx_nonpoly_scheme.auth_mon_id 
_pdbx_nonpoly_scheme.pdb_strand_id 
_pdbx_nonpoly_scheme.pdb_ins_code 
C 2 HOH 1  22  22  HOH HOH A . 
C 2 HOH 2  24  24  HOH HOH A . 
C 2 HOH 3  25  25  HOH HOH A . 
C 2 HOH 4  28  28  HOH HOH A . 
C 2 HOH 5  29  29  HOH HOH A . 
C 2 HOH 6  30  30  HOH HOH A . 
C 2 HOH 7  32  32  HOH HOH A . 
C 2 HOH 8  38  38  HOH HOH A . 
C 2 HOH 9  40  40  HOH HOH A . 
C 2 HOH 10 42  42  HOH HOH A . 
C 2 HOH 11 43  43  HOH HOH A . 
C 2 HOH 12 45  45  HOH HOH A . 
C 2 HOH 13 47  47  HOH HOH A . 
C 2 HOH 14 49  49  HOH HOH A . 
C 2 HOH 15 50  50  HOH HOH A . 
C 2 HOH 16 51  51  HOH HOH A . 
C 2 HOH 17 53  53  HOH HOH A . 
C 2 HOH 18 55  55  HOH HOH A . 
C 2 HOH 19 57  57  HOH HOH A . 
C 2 HOH 20 58  58  HOH HOH A . 
C 2 HOH 21 59  59  HOH HOH A . 
C 2 HOH 22 60  60  HOH HOH A . 
C 2 HOH 23 61  61  HOH HOH A . 
C 2 HOH 24 63  63  HOH HOH A . 
C 2 HOH 25 65  65  HOH HOH A . 
C 2 HOH 26 66  66  HOH HOH A . 
C 2 HOH 27 72  72  HOH HOH A . 
C 2 HOH 28 77  77  HOH HOH A . 
C 2 HOH 29 79  79  HOH HOH A . 
C 2 HOH 30 81  81  HOH HOH A . 
C 2 HOH 31 84  84  HOH HOH A . 
C 2 HOH 32 89  89  HOH HOH A . 
C 2 HOH 33 90  90  HOH HOH A . 
C 2 HOH 34 91  91  HOH HOH A . 
C 2 HOH 35 92  92  HOH HOH A . 
C 2 HOH 36 96  96  HOH HOH A . 
C 2 HOH 37 97  97  HOH HOH A . 
C 2 HOH 38 98  98  HOH HOH A . 
C 2 HOH 39 101 101 HOH HOH A . 
C 2 HOH 40 103 103 HOH HOH A . 
C 2 HOH 41 104 104 HOH HOH A . 
C 2 HOH 42 105 105 HOH HOH A . 
C 2 HOH 43 106 106 HOH HOH A . 
C 2 HOH 44 107 107 HOH HOH A . 
C 2 HOH 45 108 108 HOH HOH A . 
C 2 HOH 46 109 109 HOH HOH A . 
C 2 HOH 47 110 110 HOH HOH A . 
C 2 HOH 48 112 112 HOH HOH A . 
C 2 HOH 49 113 113 HOH HOH A . 
C 2 HOH 50 114 114 HOH HOH A . 
C 2 HOH 51 115 115 HOH HOH A . 
C 2 HOH 52 116 116 HOH HOH A . 
C 2 HOH 53 117 117 HOH HOH A . 
C 2 HOH 54 118 118 HOH HOH A . 
C 2 HOH 55 119 119 HOH HOH A . 
C 2 HOH 56 120 120 HOH HOH A . 
D 2 HOH 1  21  21  HOH HOH B . 
D 2 HOH 2  23  23  HOH HOH B . 
D 2 HOH 3  26  26  HOH HOH B . 
D 2 HOH 4  27  27  HOH HOH B . 
D 2 HOH 5  31  31  HOH HOH B . 
D 2 HOH 6  33  33  HOH HOH B . 
D 2 HOH 7  34  34  HOH HOH B . 
D 2 HOH 8  35  35  HOH HOH B . 
D 2 HOH 9  36  36  HOH HOH B . 
D 2 HOH 10 37  37  HOH HOH B . 
D 2 HOH 11 39  39  HOH HOH B . 
D 2 HOH 12 41  41  HOH HOH B . 
D 2 HOH 13 44  44  HOH HOH B . 
D 2 HOH 14 46  46  HOH HOH B . 
D 2 HOH 15 48  48  HOH HOH B . 
D 2 HOH 16 52  52  HOH HOH B . 
D 2 HOH 17 54  54  HOH HOH B . 
D 2 HOH 18 56  56  HOH HOH B . 
D 2 HOH 19 62  62  HOH HOH B . 
D 2 HOH 20 64  64  HOH HOH B . 
D 2 HOH 21 67  67  HOH HOH B . 
D 2 HOH 22 68  68  HOH HOH B . 
D 2 HOH 23 69  69  HOH HOH B . 
D 2 HOH 24 70  70  HOH HOH B . 
D 2 HOH 25 71  71  HOH HOH B . 
D 2 HOH 26 73  73  HOH HOH B . 
D 2 HOH 27 74  74  HOH HOH B . 
D 2 HOH 28 75  75  HOH HOH B . 
D 2 HOH 29 76  76  HOH HOH B . 
D 2 HOH 30 78  78  HOH HOH B . 
D 2 HOH 31 80  80  HOH HOH B . 
D 2 HOH 32 82  82  HOH HOH B . 
D 2 HOH 33 83  83  HOH HOH B . 
D 2 HOH 34 85  85  HOH HOH B . 
D 2 HOH 35 86  86  HOH HOH B . 
D 2 HOH 36 87  87  HOH HOH B . 
D 2 HOH 37 88  88  HOH HOH B . 
D 2 HOH 38 93  93  HOH HOH B . 
D 2 HOH 39 94  94  HOH HOH B . 
D 2 HOH 40 95  95  HOH HOH B . 
D 2 HOH 41 99  99  HOH HOH B . 
D 2 HOH 42 100 100 HOH HOH B . 
D 2 HOH 43 102 102 HOH HOH B . 
D 2 HOH 44 111 111 HOH HOH B . 
D 2 HOH 45 121 121 HOH HOH B . 
# 
_software.name             X-PLOR 
_software.classification   refinement 
_software.version          . 
_software.citation_id      ? 
_software.pdbx_ordinal     1 
# 
_cell.entry_id           137D 
_cell.length_a           24.900 
_cell.length_b           44.840 
_cell.length_c           47.970 
_cell.angle_alpha        90.00 
_cell.angle_beta         90.00 
_cell.angle_gamma        90.00 
_cell.Z_PDB              8 
_cell.pdbx_unique_axis   ? 
# 
_symmetry.entry_id                         137D 
_symmetry.space_group_name_H-M             'P 21 21 21' 
_symmetry.pdbx_full_space_group_name_H-M   ? 
_symmetry.cell_setting                     ? 
_symmetry.Int_Tables_number                19 
# 
_exptl.entry_id          137D 
_exptl.method            'X-RAY DIFFRACTION' 
_exptl.crystals_number   ? 
# 
_exptl_crystal.id                    1 
_exptl_crystal.density_meas          ? 
_exptl_crystal.density_Matthews      2.20 
_exptl_crystal.density_percent_sol   44.02 
_exptl_crystal.description           ? 
# 
_exptl_crystal_grow.crystal_id      1 
_exptl_crystal_grow.method          'VAPOR DIFFUSION, HANGING DROP' 
_exptl_crystal_grow.temp            ? 
_exptl_crystal_grow.temp_details    ? 
_exptl_crystal_grow.pH              7.00 
_exptl_crystal_grow.pdbx_details    'pH 7.00, VAPOR DIFFUSION, HANGING DROP' 
_exptl_crystal_grow.pdbx_pH_range   ? 
# 
loop_
_exptl_crystal_grow_comp.crystal_id 
_exptl_crystal_grow_comp.id 
_exptl_crystal_grow_comp.sol_id 
_exptl_crystal_grow_comp.name 
_exptl_crystal_grow_comp.volume 
_exptl_crystal_grow_comp.conc 
_exptl_crystal_grow_comp.details 
1 1 1 WATER           ? ? ? 
1 2 1 'NA CACODYLATE' ? ? ? 
1 3 1 SPERMINE_HCL    ? ? ? 
1 4 2 WATER           ? ? ? 
1 5 2 MPD             ? ? ? 
# 
_diffrn.id                     1 
_diffrn.ambient_temp           290.00 
_diffrn.ambient_temp_details   ? 
_diffrn.crystal_id             1 
# 
_diffrn_detector.diffrn_id              1 
_diffrn_detector.detector               'AREA DETECTOR' 
_diffrn_detector.type                   SIEMENS 
_diffrn_detector.pdbx_collection_date   ? 
_diffrn_detector.details                ? 
# 
_diffrn_radiation.diffrn_id                        1 
_diffrn_radiation.wavelength_id                    1 
_diffrn_radiation.pdbx_monochromatic_or_laue_m_l   ? 
_diffrn_radiation.monochromator                    ? 
_diffrn_radiation.pdbx_diffrn_protocol             ? 
_diffrn_radiation.pdbx_scattering_type             x-ray 
# 
_diffrn_radiation_wavelength.id           1 
_diffrn_radiation_wavelength.wavelength   . 
_diffrn_radiation_wavelength.wt           1.0 
# 
_diffrn_source.diffrn_id                   1 
_diffrn_source.source                      'ROTATING ANODE' 
_diffrn_source.type                        ? 
_diffrn_source.pdbx_synchrotron_site       ? 
_diffrn_source.pdbx_synchrotron_beamline   ? 
_diffrn_source.pdbx_wavelength             ? 
_diffrn_source.pdbx_wavelength_list        ? 
# 
_reflns.entry_id                     137D 
_reflns.observed_criterion_sigma_I   ? 
_reflns.observed_criterion_sigma_F   ? 
_reflns.d_resolution_low             8.000 
_reflns.d_resolution_high            1.700 
_reflns.number_obs                   6219 
_reflns.number_all                   ? 
_reflns.percent_possible_obs         ? 
_reflns.pdbx_Rmerge_I_obs            ? 
_reflns.pdbx_Rsym_value              ? 
_reflns.pdbx_netI_over_sigmaI        ? 
_reflns.B_iso_Wilson_estimate        ? 
_reflns.pdbx_redundancy              ? 
_reflns.pdbx_diffrn_id               1 
_reflns.pdbx_ordinal                 1 
# 
_refine.entry_id                                 137D 
_refine.ls_number_reflns_obs                     5450 
_refine.ls_number_reflns_all                     ? 
_refine.pdbx_ls_sigma_I                          ? 
_refine.pdbx_ls_sigma_F                          3.000 
_refine.pdbx_data_cutoff_high_absF               ? 
_refine.pdbx_data_cutoff_low_absF                ? 
_refine.pdbx_data_cutoff_high_rms_absF           ? 
_refine.ls_d_res_low                             8.000 
_refine.ls_d_res_high                            1.700 
_refine.ls_percent_reflns_obs                    ? 
_refine.ls_R_factor_obs                          0.1850000 
_refine.ls_R_factor_all                          ? 
_refine.ls_R_factor_R_work                       0.1850000 
_refine.ls_R_factor_R_free                       ? 
_refine.ls_R_factor_R_free_error                 ? 
_refine.ls_R_factor_R_free_error_details         ? 
_refine.ls_percent_reflns_R_free                 ? 
_refine.ls_number_reflns_R_free                  ? 
_refine.ls_number_parameters                     ? 
_refine.ls_number_restraints                     ? 
_refine.occupancy_min                            ? 
_refine.occupancy_max                            ? 
_refine.B_iso_mean                               ? 
_refine.aniso_B[1][1]                            ? 
_refine.aniso_B[2][2]                            ? 
_refine.aniso_B[3][3]                            ? 
_refine.aniso_B[1][2]                            ? 
_refine.aniso_B[1][3]                            ? 
_refine.aniso_B[2][3]                            ? 
_refine.solvent_model_details                    ? 
_refine.solvent_model_param_ksol                 ? 
_refine.solvent_model_param_bsol                 ? 
_refine.pdbx_ls_cross_valid_method               ? 
_refine.details                                  ? 
_refine.pdbx_starting_model                      ? 
_refine.pdbx_method_to_determine_struct          ? 
_refine.pdbx_isotropic_thermal_model             ? 
_refine.pdbx_stereochemistry_target_values       ? 
_refine.pdbx_stereochem_target_val_spec_case     ? 
_refine.pdbx_R_Free_selection_details            ? 
_refine.pdbx_overall_ESU_R                       ? 
_refine.pdbx_overall_ESU_R_Free                  ? 
_refine.overall_SU_ML                            ? 
_refine.overall_SU_B                             ? 
_refine.pdbx_refine_id                           'X-RAY DIFFRACTION' 
_refine.pdbx_diffrn_id                           1 
_refine.pdbx_TLS_residual_ADP_flag               ? 
_refine.correlation_coeff_Fo_to_Fc               ? 
_refine.correlation_coeff_Fo_to_Fc_free          ? 
_refine.pdbx_solvent_vdw_probe_radii             ? 
_refine.pdbx_solvent_ion_probe_radii             ? 
_refine.pdbx_solvent_shrinkage_radii             ? 
_refine.pdbx_overall_phase_error                 ? 
_refine.overall_SU_R_Cruickshank_DPI             ? 
_refine.pdbx_overall_SU_R_free_Cruickshank_DPI   ? 
_refine.pdbx_overall_SU_R_Blow_DPI               ? 
_refine.pdbx_overall_SU_R_free_Blow_DPI          ? 
# 
_refine_hist.pdbx_refine_id                   'X-RAY DIFFRACTION' 
_refine_hist.cycle_id                         LAST 
_refine_hist.pdbx_number_atoms_protein        0 
_refine_hist.pdbx_number_atoms_nucleic_acid   404 
_refine_hist.pdbx_number_atoms_ligand         0 
_refine_hist.number_atoms_solvent             101 
_refine_hist.number_atoms_total               505 
_refine_hist.d_res_high                       1.700 
_refine_hist.d_res_low                        8.000 
# 
loop_
_refine_ls_restr.type 
_refine_ls_restr.dev_ideal 
_refine_ls_restr.dev_ideal_target 
_refine_ls_restr.weight 
_refine_ls_restr.number 
_refine_ls_restr.pdbx_refine_id 
_refine_ls_restr.pdbx_restraint_function 
x_bond_d                0.013 ? ? ? 'X-RAY DIFFRACTION' ? 
x_bond_d_na             ?     ? ? ? 'X-RAY DIFFRACTION' ? 
x_bond_d_prot           ?     ? ? ? 'X-RAY DIFFRACTION' ? 
x_angle_d               ?     ? ? ? 'X-RAY DIFFRACTION' ? 
x_angle_d_na            ?     ? ? ? 'X-RAY DIFFRACTION' ? 
x_angle_d_prot          ?     ? ? ? 'X-RAY DIFFRACTION' ? 
x_angle_deg             3.60  ? ? ? 'X-RAY DIFFRACTION' ? 
x_angle_deg_na          ?     ? ? ? 'X-RAY DIFFRACTION' ? 
x_angle_deg_prot        ?     ? ? ? 'X-RAY DIFFRACTION' ? 
x_dihedral_angle_d      31.9  ? ? ? 'X-RAY DIFFRACTION' ? 
x_dihedral_angle_d_na   ?     ? ? ? 'X-RAY DIFFRACTION' ? 
x_dihedral_angle_d_prot ?     ? ? ? 'X-RAY DIFFRACTION' ? 
x_improper_angle_d      3.10  ? ? ? 'X-RAY DIFFRACTION' ? 
x_improper_angle_d_na   ?     ? ? ? 'X-RAY DIFFRACTION' ? 
x_improper_angle_d_prot ?     ? ? ? 'X-RAY DIFFRACTION' ? 
x_mcbond_it             ?     ? ? ? 'X-RAY DIFFRACTION' ? 
x_mcangle_it            ?     ? ? ? 'X-RAY DIFFRACTION' ? 
x_scbond_it             ?     ? ? ? 'X-RAY DIFFRACTION' ? 
x_scangle_it            ?     ? ? ? 'X-RAY DIFFRACTION' ? 
# 
_struct.entry_id                  137D 
_struct.title                     'A-DNA DECAMER D(GCGGGCCCGC)-ORTHORHOMBIC CRYSTAL FORM' 
_struct.pdbx_model_details        ? 
_struct.pdbx_CASP_flag            ? 
_struct.pdbx_model_type_details   ? 
# 
_struct_keywords.entry_id        137D 
_struct_keywords.pdbx_keywords   DNA 
_struct_keywords.text            'A-DNA, DOUBLE HELIX, DNA' 
# 
loop_
_struct_asym.id 
_struct_asym.pdbx_blank_PDB_chainid_flag 
_struct_asym.pdbx_modified 
_struct_asym.entity_id 
_struct_asym.details 
A N N 1 ? 
B N N 1 ? 
C N N 2 ? 
D N N 2 ? 
# 
_struct_ref.id                         1 
_struct_ref.entity_id                  1 
_struct_ref.db_name                    PDB 
_struct_ref.db_code                    137D 
_struct_ref.pdbx_db_accession          137D 
_struct_ref.pdbx_db_isoform            ? 
_struct_ref.pdbx_seq_one_letter_code   ? 
_struct_ref.pdbx_align_begin           ? 
# 
loop_
_struct_ref_seq.align_id 
_struct_ref_seq.ref_id 
_struct_ref_seq.pdbx_PDB_id_code 
_struct_ref_seq.pdbx_strand_id 
_struct_ref_seq.seq_align_beg 
_struct_ref_seq.pdbx_seq_align_beg_ins_code 
_struct_ref_seq.seq_align_end 
_struct_ref_seq.pdbx_seq_align_end_ins_code 
_struct_ref_seq.pdbx_db_accession 
_struct_ref_seq.db_align_beg 
_struct_ref_seq.pdbx_db_align_beg_ins_code 
_struct_ref_seq.db_align_end 
_struct_ref_seq.pdbx_db_align_end_ins_code 
_struct_ref_seq.pdbx_auth_seq_align_beg 
_struct_ref_seq.pdbx_auth_seq_align_end 
1 1 137D A 1 ? 10 ? 137D 1  ? 10 ? 1  10 
2 1 137D B 1 ? 10 ? 137D 11 ? 20 ? 11 20 
# 
_pdbx_struct_assembly.id                   1 
_pdbx_struct_assembly.details              author_defined_assembly 
_pdbx_struct_assembly.method_details       ? 
_pdbx_struct_assembly.oligomeric_details   dimeric 
_pdbx_struct_assembly.oligomeric_count     2 
# 
_pdbx_struct_assembly_gen.assembly_id       1 
_pdbx_struct_assembly_gen.oper_expression   1 
_pdbx_struct_assembly_gen.asym_id_list      A,B,C,D 
# 
_pdbx_struct_oper_list.id                   1 
_pdbx_struct_oper_list.type                 'identity operation' 
_pdbx_struct_oper_list.name                 1_555 
_pdbx_struct_oper_list.symmetry_operation   x,y,z 
_pdbx_struct_oper_list.matrix[1][1]         1.0000000000 
_pdbx_struct_oper_list.matrix[1][2]         0.0000000000 
_pdbx_struct_oper_list.matrix[1][3]         0.0000000000 
_pdbx_struct_oper_list.vector[1]            0.0000000000 
_pdbx_struct_oper_list.matrix[2][1]         0.0000000000 
_pdbx_struct_oper_list.matrix[2][2]         1.0000000000 
_pdbx_struct_oper_list.matrix[2][3]         0.0000000000 
_pdbx_struct_oper_list.vector[2]            0.0000000000 
_pdbx_struct_oper_list.matrix[3][1]         0.0000000000 
_pdbx_struct_oper_list.matrix[3][2]         0.0000000000 
_pdbx_struct_oper_list.matrix[3][3]         1.0000000000 
_pdbx_struct_oper_list.vector[3]            0.0000000000 
# 
_struct_biol.id   1 
# 
loop_
_struct_conn.id 
_struct_conn.conn_type_id 
_struct_conn.pdbx_leaving_atom_flag 
_struct_conn.pdbx_PDB_id 
_struct_conn.ptnr1_label_asym_id 
_struct_conn.ptnr1_label_comp_id 
_struct_conn.ptnr1_label_seq_id 
_struct_conn.ptnr1_label_atom_id 
_struct_conn.pdbx_ptnr1_label_alt_id 
_struct_conn.pdbx_ptnr1_PDB_ins_code 
_struct_conn.pdbx_ptnr1_standard_comp_id 
_struct_conn.ptnr1_symmetry 
_struct_conn.ptnr2_label_asym_id 
_struct_conn.ptnr2_label_comp_id 
_struct_conn.ptnr2_label_seq_id 
_struct_conn.ptnr2_label_atom_id 
_struct_conn.pdbx_ptnr2_label_alt_id 
_struct_conn.pdbx_ptnr2_PDB_ins_code 
_struct_conn.ptnr1_auth_asym_id 
_struct_conn.ptnr1_auth_comp_id 
_struct_conn.ptnr1_auth_seq_id 
_struct_conn.ptnr2_auth_asym_id 
_struct_conn.ptnr2_auth_comp_id 
_struct_conn.ptnr2_auth_seq_id 
_struct_conn.ptnr2_symmetry 
_struct_conn.pdbx_ptnr3_label_atom_id 
_struct_conn.pdbx_ptnr3_label_seq_id 
_struct_conn.pdbx_ptnr3_label_comp_id 
_struct_conn.pdbx_ptnr3_label_asym_id 
_struct_conn.pdbx_ptnr3_label_alt_id 
_struct_conn.pdbx_ptnr3_PDB_ins_code 
_struct_conn.details 
_struct_conn.pdbx_dist_value 
_struct_conn.pdbx_value_order 
_struct_conn.pdbx_role 
hydrog1  hydrog ? ? A DG 1  N1 ? ? ? 1_555 B DC 10 N3 ? ? A DG 1  B DC 20 1_555 ? ? ? ? ? ? WATSON-CRICK ? ? ? 
hydrog2  hydrog ? ? A DG 1  N2 ? ? ? 1_555 B DC 10 O2 ? ? A DG 1  B DC 20 1_555 ? ? ? ? ? ? WATSON-CRICK ? ? ? 
hydrog3  hydrog ? ? A DG 1  O6 ? ? ? 1_555 B DC 10 N4 ? ? A DG 1  B DC 20 1_555 ? ? ? ? ? ? WATSON-CRICK ? ? ? 
hydrog4  hydrog ? ? A DC 2  N3 ? ? ? 1_555 B DG 9  N1 ? ? A DC 2  B DG 19 1_555 ? ? ? ? ? ? WATSON-CRICK ? ? ? 
hydrog5  hydrog ? ? A DC 2  N4 ? ? ? 1_555 B DG 9  O6 ? ? A DC 2  B DG 19 1_555 ? ? ? ? ? ? WATSON-CRICK ? ? ? 
hydrog6  hydrog ? ? A DC 2  O2 ? ? ? 1_555 B DG 9  N2 ? ? A DC 2  B DG 19 1_555 ? ? ? ? ? ? WATSON-CRICK ? ? ? 
hydrog7  hydrog ? ? A DG 3  N1 ? ? ? 1_555 B DC 8  N3 ? ? A DG 3  B DC 18 1_555 ? ? ? ? ? ? WATSON-CRICK ? ? ? 
hydrog8  hydrog ? ? A DG 3  N2 ? ? ? 1_555 B DC 8  O2 ? ? A DG 3  B DC 18 1_555 ? ? ? ? ? ? WATSON-CRICK ? ? ? 
hydrog9  hydrog ? ? A DG 3  O6 ? ? ? 1_555 B DC 8  N4 ? ? A DG 3  B DC 18 1_555 ? ? ? ? ? ? WATSON-CRICK ? ? ? 
hydrog10 hydrog ? ? A DG 4  N1 ? ? ? 1_555 B DC 7  N3 ? ? A DG 4  B DC 17 1_555 ? ? ? ? ? ? WATSON-CRICK ? ? ? 
hydrog11 hydrog ? ? A DG 4  N2 ? ? ? 1_555 B DC 7  O2 ? ? A DG 4  B DC 17 1_555 ? ? ? ? ? ? WATSON-CRICK ? ? ? 
hydrog12 hydrog ? ? A DG 4  O6 ? ? ? 1_555 B DC 7  N4 ? ? A DG 4  B DC 17 1_555 ? ? ? ? ? ? WATSON-CRICK ? ? ? 
hydrog13 hydrog ? ? A DG 5  N1 ? ? ? 1_555 B DC 6  N3 ? ? A DG 5  B DC 16 1_555 ? ? ? ? ? ? WATSON-CRICK ? ? ? 
hydrog14 hydrog ? ? A DG 5  N2 ? ? ? 1_555 B DC 6  O2 ? ? A DG 5  B DC 16 1_555 ? ? ? ? ? ? WATSON-CRICK ? ? ? 
hydrog15 hydrog ? ? A DG 5  O6 ? ? ? 1_555 B DC 6  N4 ? ? A DG 5  B DC 16 1_555 ? ? ? ? ? ? WATSON-CRICK ? ? ? 
hydrog16 hydrog ? ? A DC 6  N3 ? ? ? 1_555 B DG 5  N1 ? ? A DC 6  B DG 15 1_555 ? ? ? ? ? ? WATSON-CRICK ? ? ? 
hydrog17 hydrog ? ? A DC 6  N4 ? ? ? 1_555 B DG 5  O6 ? ? A DC 6  B DG 15 1_555 ? ? ? ? ? ? WATSON-CRICK ? ? ? 
hydrog18 hydrog ? ? A DC 6  O2 ? ? ? 1_555 B DG 5  N2 ? ? A DC 6  B DG 15 1_555 ? ? ? ? ? ? WATSON-CRICK ? ? ? 
hydrog19 hydrog ? ? A DC 7  N3 ? ? ? 1_555 B DG 4  N1 ? ? A DC 7  B DG 14 1_555 ? ? ? ? ? ? WATSON-CRICK ? ? ? 
hydrog20 hydrog ? ? A DC 7  N4 ? ? ? 1_555 B DG 4  O6 ? ? A DC 7  B DG 14 1_555 ? ? ? ? ? ? WATSON-CRICK ? ? ? 
hydrog21 hydrog ? ? A DC 7  O2 ? ? ? 1_555 B DG 4  N2 ? ? A DC 7  B DG 14 1_555 ? ? ? ? ? ? WATSON-CRICK ? ? ? 
hydrog22 hydrog ? ? A DC 8  N3 ? ? ? 1_555 B DG 3  N1 ? ? A DC 8  B DG 13 1_555 ? ? ? ? ? ? WATSON-CRICK ? ? ? 
hydrog23 hydrog ? ? A DC 8  N4 ? ? ? 1_555 B DG 3  O6 ? ? A DC 8  B DG 13 1_555 ? ? ? ? ? ? WATSON-CRICK ? ? ? 
hydrog24 hydrog ? ? A DC 8  O2 ? ? ? 1_555 B DG 3  N2 ? ? A DC 8  B DG 13 1_555 ? ? ? ? ? ? WATSON-CRICK ? ? ? 
hydrog25 hydrog ? ? A DG 9  N1 ? ? ? 1_555 B DC 2  N3 ? ? A DG 9  B DC 12 1_555 ? ? ? ? ? ? WATSON-CRICK ? ? ? 
hydrog26 hydrog ? ? A DG 9  N2 ? ? ? 1_555 B DC 2  O2 ? ? A DG 9  B DC 12 1_555 ? ? ? ? ? ? WATSON-CRICK ? ? ? 
hydrog27 hydrog ? ? A DG 9  O6 ? ? ? 1_555 B DC 2  N4 ? ? A DG 9  B DC 12 1_555 ? ? ? ? ? ? WATSON-CRICK ? ? ? 
hydrog28 hydrog ? ? A DC 10 N3 ? ? ? 1_555 B DG 1  N1 ? ? A DC 10 B DG 11 1_555 ? ? ? ? ? ? WATSON-CRICK ? ? ? 
hydrog29 hydrog ? ? A DC 10 N4 ? ? ? 1_555 B DG 1  O6 ? ? A DC 10 B DG 11 1_555 ? ? ? ? ? ? WATSON-CRICK ? ? ? 
hydrog30 hydrog ? ? A DC 10 O2 ? ? ? 1_555 B DG 1  N2 ? ? A DC 10 B DG 11 1_555 ? ? ? ? ? ? WATSON-CRICK ? ? ? 
# 
_struct_conn_type.id          hydrog 
_struct_conn_type.criteria    ? 
_struct_conn_type.reference   ? 
# 
loop_
_pdbx_validate_rmsd_angle.id 
_pdbx_validate_rmsd_angle.PDB_model_num 
_pdbx_validate_rmsd_angle.auth_atom_id_1 
_pdbx_validate_rmsd_angle.auth_asym_id_1 
_pdbx_validate_rmsd_angle.auth_comp_id_1 
_pdbx_validate_rmsd_angle.auth_seq_id_1 
_pdbx_validate_rmsd_angle.PDB_ins_code_1 
_pdbx_validate_rmsd_angle.label_alt_id_1 
_pdbx_validate_rmsd_angle.auth_atom_id_2 
_pdbx_validate_rmsd_angle.auth_asym_id_2 
_pdbx_validate_rmsd_angle.auth_comp_id_2 
_pdbx_validate_rmsd_angle.auth_seq_id_2 
_pdbx_validate_rmsd_angle.PDB_ins_code_2 
_pdbx_validate_rmsd_angle.label_alt_id_2 
_pdbx_validate_rmsd_angle.auth_atom_id_3 
_pdbx_validate_rmsd_angle.auth_asym_id_3 
_pdbx_validate_rmsd_angle.auth_comp_id_3 
_pdbx_validate_rmsd_angle.auth_seq_id_3 
_pdbx_validate_rmsd_angle.PDB_ins_code_3 
_pdbx_validate_rmsd_angle.label_alt_id_3 
_pdbx_validate_rmsd_angle.angle_value 
_pdbx_validate_rmsd_angle.angle_target_value 
_pdbx_validate_rmsd_angle.angle_deviation 
_pdbx_validate_rmsd_angle.angle_standard_deviation 
_pdbx_validate_rmsd_angle.linker_flag 
1  1 N1    A DC 2  ? ? C2    A DC 2  ? ? O2    A DC 2  ? ? 122.82 118.90 3.92   0.60 N 
2  1 "O3'" A DC 2  ? ? P     A DG 3  ? ? "O5'" A DG 3  ? ? 130.88 104.00 26.88  1.90 Y 
3  1 "C4'" A DG 3  ? ? "C3'" A DG 3  ? ? "C2'" A DG 3  ? ? 97.83  102.20 -4.37  0.70 N 
4  1 "O3'" A DG 3  ? ? P     A DG 4  ? ? OP2   A DG 4  ? ? 123.40 110.50 12.90  1.10 Y 
5  1 "C4'" A DG 4  ? ? "C3'" A DG 4  ? ? "C2'" A DG 4  ? ? 96.94  102.20 -5.26  0.70 N 
6  1 "O3'" A DG 4  ? ? P     A DG 5  ? ? OP1   A DG 5  ? ? 86.30  105.20 -18.90 2.20 Y 
7  1 "O4'" A DG 5  ? ? "C1'" A DG 5  ? ? N9    A DG 5  ? ? 115.16 108.30 6.86   0.30 N 
8  1 "O3'" A DG 5  ? ? P     A DC 6  ? ? OP2   A DC 6  ? ? 126.49 110.50 15.99  1.10 Y 
9  1 "O4'" A DC 6  ? ? "C1'" A DC 6  ? ? N1    A DC 6  ? ? 112.84 108.30 4.54   0.30 N 
10 1 N1    A DC 6  ? ? C2    A DC 6  ? ? O2    A DC 6  ? ? 123.54 118.90 4.64   0.60 N 
11 1 "O3'" A DC 6  ? ? P     A DC 7  ? ? "O5'" A DC 7  ? ? 118.37 104.00 14.37  1.90 Y 
12 1 "O3'" A DC 6  ? ? P     A DC 7  ? ? OP2   A DC 7  ? ? 119.76 110.50 9.26   1.10 Y 
13 1 "O3'" A DC 6  ? ? P     A DC 7  ? ? OP1   A DC 7  ? ? 77.00  105.20 -28.20 2.20 Y 
14 1 "C4'" A DC 7  ? ? "C3'" A DC 7  ? ? "C2'" A DC 7  ? ? 97.17  102.20 -5.03  0.70 N 
15 1 "O4'" A DC 7  ? ? "C1'" A DC 7  ? ? N1    A DC 7  ? ? 110.84 108.30 2.54   0.30 N 
16 1 "C4'" A DC 8  ? ? "C3'" A DC 8  ? ? "C2'" A DC 8  ? ? 97.06  102.20 -5.14  0.70 N 
17 1 "O4'" A DC 8  ? ? "C1'" A DC 8  ? ? N1    A DC 8  ? ? 111.57 108.30 3.27   0.30 N 
18 1 "C4'" A DG 9  ? ? "C3'" A DG 9  ? ? "C2'" A DG 9  ? ? 96.33  102.20 -5.87  0.70 N 
19 1 "O4'" A DG 9  ? ? "C1'" A DG 9  ? ? N9    A DG 9  ? ? 110.63 108.30 2.33   0.30 N 
20 1 C2    A DC 10 ? ? N3    A DC 10 ? ? C4    A DC 10 ? ? 123.27 119.90 3.37   0.50 N 
21 1 "O4'" B DC 12 ? ? "C1'" B DC 12 ? ? N1    B DC 12 ? ? 112.68 108.30 4.38   0.30 N 
22 1 "C4'" B DG 13 ? ? "C3'" B DG 13 ? ? "C2'" B DG 13 ? ? 95.12  102.20 -7.08  0.70 N 
23 1 "O4'" B DG 13 ? ? "C1'" B DG 13 ? ? N9    B DG 13 ? ? 112.11 108.30 3.81   0.30 N 
24 1 "O3'" B DG 13 ? ? P     B DG 14 ? ? OP1   B DG 14 ? ? 87.51  105.20 -17.69 2.20 Y 
25 1 "C4'" B DG 14 ? ? "C3'" B DG 14 ? ? "C2'" B DG 14 ? ? 97.36  102.20 -4.84  0.70 N 
26 1 "O4'" B DG 14 ? ? "C1'" B DG 14 ? ? N9    B DG 14 ? ? 110.92 108.30 2.62   0.30 N 
27 1 "O3'" B DG 14 ? ? P     B DG 15 ? ? OP1   B DG 15 ? ? 90.97  105.20 -14.23 2.20 Y 
28 1 "O4'" B DG 15 ? ? "C1'" B DG 15 ? ? N9    B DG 15 ? ? 111.80 108.30 3.50   0.30 N 
29 1 "O3'" B DG 15 ? ? P     B DC 16 ? ? OP2   B DC 16 ? ? 128.21 110.50 17.71  1.10 Y 
30 1 "O3'" B DG 15 ? ? P     B DC 16 ? ? OP1   B DC 16 ? ? 70.79  105.20 -34.41 2.20 Y 
31 1 "O4'" B DC 16 ? ? "C1'" B DC 16 ? ? N1    B DC 16 ? ? 111.93 108.30 3.63   0.30 N 
32 1 "C4'" B DC 17 ? ? "C3'" B DC 17 ? ? "C2'" B DC 17 ? ? 97.32  102.20 -4.88  0.70 N 
33 1 N1    B DC 17 ? ? C2    B DC 17 ? ? O2    B DC 17 ? ? 122.72 118.90 3.82   0.60 N 
34 1 "O4'" B DC 18 ? ? "C1'" B DC 18 ? ? N1    B DC 18 ? ? 110.79 108.30 2.49   0.30 N 
35 1 N1    B DC 18 ? ? C2    B DC 18 ? ? O2    B DC 18 ? ? 123.10 118.90 4.20   0.60 N 
36 1 "C4'" B DG 19 ? ? "C3'" B DG 19 ? ? "C2'" B DG 19 ? ? 97.28  102.20 -4.92  0.70 N 
37 1 "O4'" B DG 19 ? ? "C1'" B DG 19 ? ? N9    B DG 19 ? ? 112.27 108.30 3.97   0.30 N 
38 1 "O4'" B DC 20 ? ? "C1'" B DC 20 ? ? N1    B DC 20 ? ? 111.03 108.30 2.73   0.30 N 
39 1 N1    B DC 20 ? ? C2    B DC 20 ? ? O2    B DC 20 ? ? 122.99 118.90 4.09   0.60 N 
# 
loop_
_pdbx_validate_planes.id 
_pdbx_validate_planes.PDB_model_num 
_pdbx_validate_planes.auth_comp_id 
_pdbx_validate_planes.auth_asym_id 
_pdbx_validate_planes.auth_seq_id 
_pdbx_validate_planes.PDB_ins_code 
_pdbx_validate_planes.label_alt_id 
_pdbx_validate_planes.rmsd 
_pdbx_validate_planes.type 
1 1 DG A 9  ? ? 0.066 'SIDE CHAIN' 
2 1 DG B 11 ? ? 0.069 'SIDE CHAIN' 
3 1 DG B 19 ? ? 0.070 'SIDE CHAIN' 
4 1 DC B 20 ? ? 0.073 'SIDE CHAIN' 
# 
loop_
_refine_B_iso.class 
_refine_B_iso.details 
_refine_B_iso.treatment 
_refine_B_iso.pdbx_refine_id 
'ALL ATOMS'  TR isotropic 'X-RAY DIFFRACTION' 
'ALL WATERS' TR isotropic 'X-RAY DIFFRACTION' 
# 
loop_
_refine_occupancy.class 
_refine_occupancy.treatment 
_refine_occupancy.pdbx_refine_id 
'ALL ATOMS'  fix 'X-RAY DIFFRACTION' 
'ALL WATERS' fix 'X-RAY DIFFRACTION' 
# 
loop_
_chem_comp_atom.comp_id 
_chem_comp_atom.atom_id 
_chem_comp_atom.type_symbol 
_chem_comp_atom.pdbx_aromatic_flag 
_chem_comp_atom.pdbx_stereo_config 
_chem_comp_atom.pdbx_ordinal 
DC  OP3    O N N 1  
DC  P      P N N 2  
DC  OP1    O N N 3  
DC  OP2    O N N 4  
DC  "O5'"  O N N 5  
DC  "C5'"  C N N 6  
DC  "C4'"  C N R 7  
DC  "O4'"  O N N 8  
DC  "C3'"  C N S 9  
DC  "O3'"  O N N 10 
DC  "C2'"  C N N 11 
DC  "C1'"  C N R 12 
DC  N1     N N N 13 
DC  C2     C N N 14 
DC  O2     O N N 15 
DC  N3     N N N 16 
DC  C4     C N N 17 
DC  N4     N N N 18 
DC  C5     C N N 19 
DC  C6     C N N 20 
DC  HOP3   H N N 21 
DC  HOP2   H N N 22 
DC  "H5'"  H N N 23 
DC  "H5''" H N N 24 
DC  "H4'"  H N N 25 
DC  "H3'"  H N N 26 
DC  "HO3'" H N N 27 
DC  "H2'"  H N N 28 
DC  "H2''" H N N 29 
DC  "H1'"  H N N 30 
DC  H41    H N N 31 
DC  H42    H N N 32 
DC  H5     H N N 33 
DC  H6     H N N 34 
DG  OP3    O N N 35 
DG  P      P N N 36 
DG  OP1    O N N 37 
DG  OP2    O N N 38 
DG  "O5'"  O N N 39 
DG  "C5'"  C N N 40 
DG  "C4'"  C N R 41 
DG  "O4'"  O N N 42 
DG  "C3'"  C N S 43 
DG  "O3'"  O N N 44 
DG  "C2'"  C N N 45 
DG  "C1'"  C N R 46 
DG  N9     N Y N 47 
DG  C8     C Y N 48 
DG  N7     N Y N 49 
DG  C5     C Y N 50 
DG  C6     C N N 51 
DG  O6     O N N 52 
DG  N1     N N N 53 
DG  C2     C N N 54 
DG  N2     N N N 55 
DG  N3     N N N 56 
DG  C4     C Y N 57 
DG  HOP3   H N N 58 
DG  HOP2   H N N 59 
DG  "H5'"  H N N 60 
DG  "H5''" H N N 61 
DG  "H4'"  H N N 62 
DG  "H3'"  H N N 63 
DG  "HO3'" H N N 64 
DG  "H2'"  H N N 65 
DG  "H2''" H N N 66 
DG  "H1'"  H N N 67 
DG  H8     H N N 68 
DG  H1     H N N 69 
DG  H21    H N N 70 
DG  H22    H N N 71 
HOH O      O N N 72 
HOH H1     H N N 73 
HOH H2     H N N 74 
# 
loop_
_chem_comp_bond.comp_id 
_chem_comp_bond.atom_id_1 
_chem_comp_bond.atom_id_2 
_chem_comp_bond.value_order 
_chem_comp_bond.pdbx_aromatic_flag 
_chem_comp_bond.pdbx_stereo_config 
_chem_comp_bond.pdbx_ordinal 
DC  OP3   P      sing N N 1  
DC  OP3   HOP3   sing N N 2  
DC  P     OP1    doub N N 3  
DC  P     OP2    sing N N 4  
DC  P     "O5'"  sing N N 5  
DC  OP2   HOP2   sing N N 6  
DC  "O5'" "C5'"  sing N N 7  
DC  "C5'" "C4'"  sing N N 8  
DC  "C5'" "H5'"  sing N N 9  
DC  "C5'" "H5''" sing N N 10 
DC  "C4'" "O4'"  sing N N 11 
DC  "C4'" "C3'"  sing N N 12 
DC  "C4'" "H4'"  sing N N 13 
DC  "O4'" "C1'"  sing N N 14 
DC  "C3'" "O3'"  sing N N 15 
DC  "C3'" "C2'"  sing N N 16 
DC  "C3'" "H3'"  sing N N 17 
DC  "O3'" "HO3'" sing N N 18 
DC  "C2'" "C1'"  sing N N 19 
DC  "C2'" "H2'"  sing N N 20 
DC  "C2'" "H2''" sing N N 21 
DC  "C1'" N1     sing N N 22 
DC  "C1'" "H1'"  sing N N 23 
DC  N1    C2     sing N N 24 
DC  N1    C6     sing N N 25 
DC  C2    O2     doub N N 26 
DC  C2    N3     sing N N 27 
DC  N3    C4     doub N N 28 
DC  C4    N4     sing N N 29 
DC  C4    C5     sing N N 30 
DC  N4    H41    sing N N 31 
DC  N4    H42    sing N N 32 
DC  C5    C6     doub N N 33 
DC  C5    H5     sing N N 34 
DC  C6    H6     sing N N 35 
DG  OP3   P      sing N N 36 
DG  OP3   HOP3   sing N N 37 
DG  P     OP1    doub N N 38 
DG  P     OP2    sing N N 39 
DG  P     "O5'"  sing N N 40 
DG  OP2   HOP2   sing N N 41 
DG  "O5'" "C5'"  sing N N 42 
DG  "C5'" "C4'"  sing N N 43 
DG  "C5'" "H5'"  sing N N 44 
DG  "C5'" "H5''" sing N N 45 
DG  "C4'" "O4'"  sing N N 46 
DG  "C4'" "C3'"  sing N N 47 
DG  "C4'" "H4'"  sing N N 48 
DG  "O4'" "C1'"  sing N N 49 
DG  "C3'" "O3'"  sing N N 50 
DG  "C3'" "C2'"  sing N N 51 
DG  "C3'" "H3'"  sing N N 52 
DG  "O3'" "HO3'" sing N N 53 
DG  "C2'" "C1'"  sing N N 54 
DG  "C2'" "H2'"  sing N N 55 
DG  "C2'" "H2''" sing N N 56 
DG  "C1'" N9     sing N N 57 
DG  "C1'" "H1'"  sing N N 58 
DG  N9    C8     sing Y N 59 
DG  N9    C4     sing Y N 60 
DG  C8    N7     doub Y N 61 
DG  C8    H8     sing N N 62 
DG  N7    C5     sing Y N 63 
DG  C5    C6     sing N N 64 
DG  C5    C4     doub Y N 65 
DG  C6    O6     doub N N 66 
DG  C6    N1     sing N N 67 
DG  N1    C2     sing N N 68 
DG  N1    H1     sing N N 69 
DG  C2    N2     sing N N 70 
DG  C2    N3     doub N N 71 
DG  N2    H21    sing N N 72 
DG  N2    H22    sing N N 73 
DG  N3    C4     sing N N 74 
HOH O     H1     sing N N 75 
HOH O     H2     sing N N 76 
# 
_ndb_struct_conf_na.entry_id   137D 
_ndb_struct_conf_na.feature    'a-form double helix' 
# 
loop_
_ndb_struct_na_base_pair.model_number 
_ndb_struct_na_base_pair.i_label_asym_id 
_ndb_struct_na_base_pair.i_label_comp_id 
_ndb_struct_na_base_pair.i_label_seq_id 
_ndb_struct_na_base_pair.i_symmetry 
_ndb_struct_na_base_pair.j_label_asym_id 
_ndb_struct_na_base_pair.j_label_comp_id 
_ndb_struct_na_base_pair.j_label_seq_id 
_ndb_struct_na_base_pair.j_symmetry 
_ndb_struct_na_base_pair.shear 
_ndb_struct_na_base_pair.stretch 
_ndb_struct_na_base_pair.stagger 
_ndb_struct_na_base_pair.buckle 
_ndb_struct_na_base_pair.propeller 
_ndb_struct_na_base_pair.opening 
_ndb_struct_na_base_pair.pair_number 
_ndb_struct_na_base_pair.pair_name 
_ndb_struct_na_base_pair.i_auth_asym_id 
_ndb_struct_na_base_pair.i_auth_seq_id 
_ndb_struct_na_base_pair.i_PDB_ins_code 
_ndb_struct_na_base_pair.j_auth_asym_id 
_ndb_struct_na_base_pair.j_auth_seq_id 
_ndb_struct_na_base_pair.j_PDB_ins_code 
_ndb_struct_na_base_pair.hbond_type_28 
_ndb_struct_na_base_pair.hbond_type_12 
1 A DG 1  1_555 B DC 10 1_555 -0.406 -0.315 -0.240 -2.395  -0.010  -2.503 1  A_DG1:DC20_B  A 1  ? B 20 ? 19 1 
1 A DC 2  1_555 B DG 9  1_555 0.100  -0.243 -0.050 1.744   -6.931  0.122  2  A_DC2:DG19_B  A 2  ? B 19 ? 19 1 
1 A DG 3  1_555 B DC 8  1_555 -0.287 -0.266 -0.098 -4.590  -15.059 -0.538 3  A_DG3:DC18_B  A 3  ? B 18 ? 19 1 
1 A DG 4  1_555 B DC 7  1_555 -0.340 -0.171 -0.176 -11.932 -10.625 -2.153 4  A_DG4:DC17_B  A 4  ? B 17 ? 19 1 
1 A DG 5  1_555 B DC 6  1_555 -0.275 -0.242 0.204  -1.512  -10.904 -2.780 5  A_DG5:DC16_B  A 5  ? B 16 ? 19 1 
1 A DC 6  1_555 B DG 5  1_555 0.398  -0.332 -0.100 -0.176  -12.036 -4.631 6  A_DC6:DG15_B  A 6  ? B 15 ? 19 1 
1 A DC 7  1_555 B DG 4  1_555 0.285  -0.264 0.255  4.937   -9.856  1.199  7  A_DC7:DG14_B  A 7  ? B 14 ? 19 1 
1 A DC 8  1_555 B DG 3  1_555 0.214  -0.358 -0.191 6.509   -10.316 -2.424 8  A_DC8:DG13_B  A 8  ? B 13 ? 19 1 
1 A DG 9  1_555 B DC 2  1_555 -0.361 -0.184 -0.182 -5.165  -7.300  0.299  9  A_DG9:DC12_B  A 9  ? B 12 ? 19 1 
1 A DC 10 1_555 B DG 1  1_555 0.292  -0.306 -0.205 0.133   8.457   -0.947 10 A_DC10:DG11_B A 10 ? B 11 ? 19 1 
# 
loop_
_ndb_struct_na_base_pair_step.model_number 
_ndb_struct_na_base_pair_step.i_label_asym_id_1 
_ndb_struct_na_base_pair_step.i_label_comp_id_1 
_ndb_struct_na_base_pair_step.i_label_seq_id_1 
_ndb_struct_na_base_pair_step.i_symmetry_1 
_ndb_struct_na_base_pair_step.j_label_asym_id_1 
_ndb_struct_na_base_pair_step.j_label_comp_id_1 
_ndb_struct_na_base_pair_step.j_label_seq_id_1 
_ndb_struct_na_base_pair_step.j_symmetry_1 
_ndb_struct_na_base_pair_step.i_label_asym_id_2 
_ndb_struct_na_base_pair_step.i_label_comp_id_2 
_ndb_struct_na_base_pair_step.i_label_seq_id_2 
_ndb_struct_na_base_pair_step.i_symmetry_2 
_ndb_struct_na_base_pair_step.j_label_asym_id_2 
_ndb_struct_na_base_pair_step.j_label_comp_id_2 
_ndb_struct_na_base_pair_step.j_label_seq_id_2 
_ndb_struct_na_base_pair_step.j_symmetry_2 
_ndb_struct_na_base_pair_step.shift 
_ndb_struct_na_base_pair_step.slide 
_ndb_struct_na_base_pair_step.rise 
_ndb_struct_na_base_pair_step.tilt 
_ndb_struct_na_base_pair_step.roll 
_ndb_struct_na_base_pair_step.twist 
_ndb_struct_na_base_pair_step.x_displacement 
_ndb_struct_na_base_pair_step.y_displacement 
_ndb_struct_na_base_pair_step.helical_rise 
_ndb_struct_na_base_pair_step.inclination 
_ndb_struct_na_base_pair_step.tip 
_ndb_struct_na_base_pair_step.helical_twist 
_ndb_struct_na_base_pair_step.step_number 
_ndb_struct_na_base_pair_step.step_name 
_ndb_struct_na_base_pair_step.i_auth_asym_id_1 
_ndb_struct_na_base_pair_step.i_auth_seq_id_1 
_ndb_struct_na_base_pair_step.i_PDB_ins_code_1 
_ndb_struct_na_base_pair_step.j_auth_asym_id_1 
_ndb_struct_na_base_pair_step.j_auth_seq_id_1 
_ndb_struct_na_base_pair_step.j_PDB_ins_code_1 
_ndb_struct_na_base_pair_step.i_auth_asym_id_2 
_ndb_struct_na_base_pair_step.i_auth_seq_id_2 
_ndb_struct_na_base_pair_step.i_PDB_ins_code_2 
_ndb_struct_na_base_pair_step.j_auth_asym_id_2 
_ndb_struct_na_base_pair_step.j_auth_seq_id_2 
_ndb_struct_na_base_pair_step.j_PDB_ins_code_2 
1 A DG 1 1_555 B DC 10 1_555 A DC 2  1_555 B DG 9 1_555 0.592  -1.481 3.302 -1.411 -1.822 37.106 -2.076 -1.120 3.345 -2.860 2.215  
37.175 1 AA_DG1DC2:DG19DC20_BB  A 1 ? B 20 ? A 2  ? B 19 ? 
1 A DC 2 1_555 B DG 9  1_555 A DG 3  1_555 B DC 8 1_555 -0.120 -2.130 3.486 0.949  8.131  27.427 -6.108 0.453  2.748 16.684 -1.948 
28.600 2 AA_DC2DG3:DC18DG19_BB  A 2 ? B 19 ? A 3  ? B 18 ? 
1 A DG 3 1_555 B DC 8  1_555 A DG 4  1_555 B DC 7 1_555 -1.108 -1.581 3.451 -2.395 5.353  34.003 -3.522 1.485  3.241 9.070  4.057  
34.491 3 AA_DG3DG4:DC17DC18_BB  A 3 ? B 18 ? A 4  ? B 17 ? 
1 A DG 4 1_555 B DC 7  1_555 A DG 5  1_555 B DC 6 1_555 0.983  -1.909 3.000 -0.844 12.691 25.122 -6.250 -2.178 1.809 27.074 1.801  
28.112 4 AA_DG4DG5:DC16DC17_BB  A 4 ? B 17 ? A 5  ? B 16 ? 
1 A DG 5 1_555 B DC 6  1_555 A DC 6  1_555 B DG 5 1_555 -0.603 -1.358 3.343 1.741  10.105 35.752 -3.432 1.170  2.837 16.057 -2.766 
37.148 5 AA_DG5DC6:DG15DC16_BB  A 5 ? B 16 ? A 6  ? B 15 ? 
1 A DC 6 1_555 B DG 5  1_555 A DC 7  1_555 B DG 4 1_555 1.132  -1.906 3.183 -1.038 8.197  26.343 -5.758 -2.597 2.444 17.447 2.209  
27.587 6 AA_DC6DC7:DG14DG15_BB  A 6 ? B 15 ? A 7  ? B 14 ? 
1 A DC 7 1_555 B DG 4  1_555 A DC 8  1_555 B DG 3 1_555 -0.550 -2.031 3.256 1.277  4.348  26.284 -5.473 1.506  2.859 9.472  -2.781 
26.665 7 AA_DC7DC8:DG13DG14_BB  A 7 ? B 14 ? A 8  ? B 13 ? 
1 A DC 8 1_555 B DG 3  1_555 A DG 9  1_555 B DC 2 1_555 -0.093 -1.840 3.587 -0.854 10.818 30.208 -5.288 0.015  2.781 19.965 1.576  
32.055 8 AA_DC8DG9:DC12DG13_BB  A 8 ? B 13 ? A 9  ? B 12 ? 
1 A DG 9 1_555 B DC 2  1_555 A DC 10 1_555 B DG 1 1_555 -0.021 -1.722 3.401 0.980  -1.601 34.088 -2.666 0.199  3.474 -2.729 -1.670 
34.138 9 AA_DG9DC10:DG11DC12_BB A 9 ? B 12 ? A 10 ? B 11 ? 
# 
_atom_sites.entry_id                    137D 
_atom_sites.fract_transf_matrix[1][1]   0.03889491 
_atom_sites.fract_transf_matrix[1][2]   -0.00339066 
_atom_sites.fract_transf_matrix[1][3]   -0.00941250 
_atom_sites.fract_transf_matrix[2][1]   0.00362835 
_atom_sites.fract_transf_matrix[2][2]   0.02067008 
_atom_sites.fract_transf_matrix[2][3]   0.00754731 
_atom_sites.fract_transf_matrix[3][1]   0.00393256 
_atom_sites.fract_transf_matrix[3][2]   -0.00762704 
_atom_sites.fract_transf_matrix[3][3]   0.01899787 
_atom_sites.fract_transf_vector[1]      0.133537 
_atom_sites.fract_transf_vector[2]      -0.036054 
_atom_sites.fract_transf_vector[3]      0.223932 
# 
loop_
_atom_type.symbol 
C 
N 
O 
P 
# 
loop_
_atom_site.group_PDB 
_atom_site.id 
_atom_site.type_symbol 
_atom_site.label_atom_id 
_atom_site.label_alt_id 
_atom_site.label_comp_id 
_atom_site.label_asym_id 
_atom_site.label_entity_id 
_atom_site.label_seq_id 
_atom_site.pdbx_PDB_ins_code 
_atom_site.Cartn_x 
_atom_site.Cartn_y 
_atom_site.Cartn_z 
_atom_site.occupancy 
_atom_site.B_iso_or_equiv 
_atom_site.pdbx_formal_charge 
_atom_site.auth_seq_id 
_atom_site.auth_comp_id 
_atom_site.auth_asym_id 
_atom_site.auth_atom_id 
_atom_site.pdbx_PDB_model_num 
ATOM   1   O "O5'" . DG  A 1 1  ? -7.296  11.159  1.148   1.00 39.23  ? 1   DG  A "O5'" 1 
ATOM   2   C "C5'" . DG  A 1 1  ? -6.740  12.475  1.045   1.00 38.30  ? 1   DG  A "C5'" 1 
ATOM   3   C "C4'" . DG  A 1 1  ? -6.038  12.968  2.314   1.00 38.76  ? 1   DG  A "C4'" 1 
ATOM   4   O "O4'" . DG  A 1 1  ? -6.864  12.902  3.488   1.00 38.64  ? 1   DG  A "O4'" 1 
ATOM   5   C "C3'" . DG  A 1 1  ? -4.800  12.186  2.673   1.00 38.14  ? 1   DG  A "C3'" 1 
ATOM   6   O "O3'" . DG  A 1 1  ? -3.780  12.569  1.780   1.00 37.74  ? 1   DG  A "O3'" 1 
ATOM   7   C "C2'" . DG  A 1 1  ? -4.591  12.747  4.055   1.00 36.52  ? 1   DG  A "C2'" 1 
ATOM   8   C "C1'" . DG  A 1 1  ? -5.991  12.697  4.633   1.00 36.12  ? 1   DG  A "C1'" 1 
ATOM   9   N N9    . DG  A 1 1  ? -6.257  11.375  5.239   1.00 33.59  ? 1   DG  A N9    1 
ATOM   10  C C8    . DG  A 1 1  ? -7.280  10.522  4.906   1.00 33.91  ? 1   DG  A C8    1 
ATOM   11  N N7    . DG  A 1 1  ? -7.515  9.595   5.796   1.00 34.19  ? 1   DG  A N7    1 
ATOM   12  C C5    . DG  A 1 1  ? -6.550  9.813   6.772   1.00 31.88  ? 1   DG  A C5    1 
ATOM   13  C C6    . DG  A 1 1  ? -6.235  9.039   7.902   1.00 26.95  ? 1   DG  A C6    1 
ATOM   14  O O6    . DG  A 1 1  ? -6.761  7.994   8.265   1.00 29.10  ? 1   DG  A O6    1 
ATOM   15  N N1    . DG  A 1 1  ? -5.184  9.559   8.609   1.00 26.06  ? 1   DG  A N1    1 
ATOM   16  C C2    . DG  A 1 1  ? -4.505  10.711  8.299   1.00 26.06  ? 1   DG  A C2    1 
ATOM   17  N N2    . DG  A 1 1  ? -3.523  11.093  9.135   1.00 25.17  ? 1   DG  A N2    1 
ATOM   18  N N3    . DG  A 1 1  ? -4.752  11.410  7.191   1.00 28.37  ? 1   DG  A N3    1 
ATOM   19  C C4    . DG  A 1 1  ? -5.792  10.915  6.471   1.00 31.91  ? 1   DG  A C4    1 
ATOM   20  P P     . DC  A 1 2  ? -2.662  11.535  1.328   1.00 37.37  ? 2   DC  A P     1 
ATOM   21  O OP1   . DC  A 1 2  ? -1.947  12.281  0.263   1.00 37.76  ? 2   DC  A OP1   1 
ATOM   22  O OP2   . DC  A 1 2  ? -3.394  10.291  1.020   1.00 37.62  ? 2   DC  A OP2   1 
ATOM   23  O "O5'" . DC  A 1 2  ? -1.675  11.218  2.537   1.00 34.13  ? 2   DC  A "O5'" 1 
ATOM   24  C "C5'" . DC  A 1 2  ? -0.944  12.274  3.136   1.00 29.30  ? 2   DC  A "C5'" 1 
ATOM   25  C "C4'" . DC  A 1 2  ? -0.490  11.863  4.520   1.00 28.58  ? 2   DC  A "C4'" 1 
ATOM   26  O "O4'" . DC  A 1 2  ? -1.620  11.577  5.343   1.00 28.64  ? 2   DC  A "O4'" 1 
ATOM   27  C "C3'" . DC  A 1 2  ? 0.309   10.578  4.517   1.00 27.10  ? 2   DC  A "C3'" 1 
ATOM   28  O "O3'" . DC  A 1 2  ? 1.668   10.837  4.096   1.00 30.07  ? 2   DC  A "O3'" 1 
ATOM   29  C "C2'" . DC  A 1 2  ? 0.156   10.157  5.964   1.00 22.02  ? 2   DC  A "C2'" 1 
ATOM   30  C "C1'" . DC  A 1 2  ? -1.283  10.543  6.288   1.00 25.50  ? 2   DC  A "C1'" 1 
ATOM   31  N N1    . DC  A 1 2  ? -2.246  9.401   6.166   1.00 23.13  ? 2   DC  A N1    1 
ATOM   32  C C2    . DC  A 1 2  ? -2.263  8.471   7.179   1.00 21.73  ? 2   DC  A C2    1 
ATOM   33  O O2    . DC  A 1 2  ? -1.533  8.547   8.165   1.00 18.40  ? 2   DC  A O2    1 
ATOM   34  N N3    . DC  A 1 2  ? -3.132  7.437   7.076   1.00 22.11  ? 2   DC  A N3    1 
ATOM   35  C C4    . DC  A 1 2  ? -3.931  7.285   6.012   1.00 21.67  ? 2   DC  A C4    1 
ATOM   36  N N4    . DC  A 1 2  ? -4.776  6.249   6.004   1.00 18.08  ? 2   DC  A N4    1 
ATOM   37  C C5    . DC  A 1 2  ? -3.896  8.214   4.929   1.00 20.14  ? 2   DC  A C5    1 
ATOM   38  C C6    . DC  A 1 2  ? -3.065  9.267   5.061   1.00 21.91  ? 2   DC  A C6    1 
ATOM   39  P P     . DG  A 1 3  ? 2.656   9.608   3.837   1.00 33.72  ? 3   DG  A P     1 
ATOM   40  O OP1   . DG  A 1 3  ? 3.883   10.361  3.501   1.00 36.27  ? 3   DG  A OP1   1 
ATOM   41  O OP2   . DG  A 1 3  ? 1.808   9.078   2.750   1.00 33.20  ? 3   DG  A OP2   1 
ATOM   42  O "O5'" . DG  A 1 3  ? 3.026   8.331   4.763   1.00 30.44  ? 3   DG  A "O5'" 1 
ATOM   43  C "C5'" . DG  A 1 3  ? 3.817   8.566   5.890   1.00 25.07  ? 3   DG  A "C5'" 1 
ATOM   44  C "C4'" . DG  A 1 3  ? 3.489   7.690   7.065   1.00 26.17  ? 3   DG  A "C4'" 1 
ATOM   45  O "O4'" . DG  A 1 3  ? 2.090   7.663   7.313   1.00 24.55  ? 3   DG  A "O4'" 1 
ATOM   46  C "C3'" . DG  A 1 3  ? 3.919   6.251   6.991   1.00 27.39  ? 3   DG  A "C3'" 1 
ATOM   47  O "O3'" . DG  A 1 3  ? 5.338   6.126   7.177   1.00 26.60  ? 3   DG  A "O3'" 1 
ATOM   48  C "C2'" . DG  A 1 3  ? 3.111   5.731   8.178   1.00 23.81  ? 3   DG  A "C2'" 1 
ATOM   49  C "C1'" . DG  A 1 3  ? 1.780   6.453   8.054   1.00 23.98  ? 3   DG  A "C1'" 1 
ATOM   50  N N9    . DG  A 1 3  ? 0.781   5.672   7.292   1.00 19.80  ? 3   DG  A N9    1 
ATOM   51  C C8    . DG  A 1 3  ? 0.211   5.964   6.086   1.00 17.86  ? 3   DG  A C8    1 
ATOM   52  N N7    . DG  A 1 3  ? -0.752  5.165   5.757   1.00 21.33  ? 3   DG  A N7    1 
ATOM   53  C C5    . DG  A 1 3  ? -0.792  4.248   6.813   1.00 18.36  ? 3   DG  A C5    1 
ATOM   54  C C6    . DG  A 1 3  ? -1.572  3.085   6.986   1.00 17.36  ? 3   DG  A C6    1 
ATOM   55  O O6    . DG  A 1 3  ? -2.441  2.653   6.241   1.00 20.63  ? 3   DG  A O6    1 
ATOM   56  N N1    . DG  A 1 3  ? -1.268  2.399   8.144   1.00 14.56  ? 3   DG  A N1    1 
ATOM   57  C C2    . DG  A 1 3  ? -0.276  2.732   9.017   1.00 16.54  ? 3   DG  A C2    1 
ATOM   58  N N2    . DG  A 1 3  ? -0.086  1.938   10.070  1.00 15.01  ? 3   DG  A N2    1 
ATOM   59  N N3    . DG  A 1 3  ? 0.458   3.835   8.857   1.00 18.83  ? 3   DG  A N3    1 
ATOM   60  C C4    . DG  A 1 3  ? 0.162   4.530   7.733   1.00 18.96  ? 3   DG  A C4    1 
ATOM   61  P P     . DG  A 1 4  ? 6.009   4.768   6.683   1.00 29.04  ? 4   DG  A P     1 
ATOM   62  O OP1   . DG  A 1 4  ? 7.400   5.167   6.991   1.00 31.42  ? 4   DG  A OP1   1 
ATOM   63  O OP2   . DG  A 1 4  ? 5.726   4.151   5.369   1.00 31.62  ? 4   DG  A OP2   1 
ATOM   64  O "O5'" . DG  A 1 4  ? 5.575   3.710   7.795   1.00 26.95  ? 4   DG  A "O5'" 1 
ATOM   65  C "C5'" . DG  A 1 4  ? 6.238   3.591   9.043   1.00 24.73  ? 4   DG  A "C5'" 1 
ATOM   66  C "C4'" . DG  A 1 4  ? 5.833   2.283   9.715   1.00 26.87  ? 4   DG  A "C4'" 1 
ATOM   67  O "O4'" . DG  A 1 4  ? 4.392   2.239   9.890   1.00 25.00  ? 4   DG  A "O4'" 1 
ATOM   68  C "C3'" . DG  A 1 4  ? 6.166   1.077   8.834   1.00 27.96  ? 4   DG  A "C3'" 1 
ATOM   69  O "O3'" . DG  A 1 4  ? 7.578   0.735   8.815   1.00 29.43  ? 4   DG  A "O3'" 1 
ATOM   70  C "C2'" . DG  A 1 4  ? 5.218   0.086   9.512   1.00 26.81  ? 4   DG  A "C2'" 1 
ATOM   71  C "C1'" . DG  A 1 4  ? 3.927   0.902   9.664   1.00 23.09  ? 4   DG  A "C1'" 1 
ATOM   72  N N9    . DG  A 1 4  ? 3.066   0.882   8.445   1.00 18.48  ? 4   DG  A N9    1 
ATOM   73  C C8    . DG  A 1 4  ? 2.882   1.855   7.500   1.00 15.92  ? 4   DG  A C8    1 
ATOM   74  N N7    . DG  A 1 4  ? 1.922   1.589   6.661   1.00 17.29  ? 4   DG  A N7    1 
ATOM   75  C C5    . DG  A 1 4  ? 1.434   0.356   7.073   1.00 14.51  ? 4   DG  A C5    1 
ATOM   76  C C6    . DG  A 1 4  ? 0.338   -0.407  6.587   1.00 12.48  ? 4   DG  A C6    1 
ATOM   77  O O6    . DG  A 1 4  ? -0.409  -0.225  5.634   1.00 14.03  ? 4   DG  A O6    1 
ATOM   78  N N1    . DG  A 1 4  ? 0.137   -1.534  7.321   1.00 14.33  ? 4   DG  A N1    1 
ATOM   79  C C2    . DG  A 1 4  ? 0.859   -1.895  8.425   1.00 15.39  ? 4   DG  A C2    1 
ATOM   80  N N2    . DG  A 1 4  ? 0.582   -3.076  8.967   1.00 16.38  ? 4   DG  A N2    1 
ATOM   81  N N3    . DG  A 1 4  ? 1.824   -1.141  8.955   1.00 16.32  ? 4   DG  A N3    1 
ATOM   82  C C4    . DG  A 1 4  ? 2.092   -0.055  8.189   1.00 14.09  ? 4   DG  A C4    1 
ATOM   83  P P     . DG  A 1 5  ? 8.187   -0.069  7.551   1.00 25.47  ? 5   DG  A P     1 
ATOM   84  O OP1   . DG  A 1 5  ? 9.472   -0.047  8.279   1.00 30.59  ? 5   DG  A OP1   1 
ATOM   85  O OP2   . DG  A 1 5  ? 8.015   0.625   6.253   1.00 21.32  ? 5   DG  A OP2   1 
ATOM   86  O "O5'" . DG  A 1 5  ? 7.678   -1.576  7.551   1.00 24.01  ? 5   DG  A "O5'" 1 
ATOM   87  C "C5'" . DG  A 1 5  ? 7.355   -2.333  6.418   1.00 24.83  ? 5   DG  A "C5'" 1 
ATOM   88  C "C4'" . DG  A 1 5  ? 6.363   -3.394  6.872   1.00 22.57  ? 5   DG  A "C4'" 1 
ATOM   89  O "O4'" . DG  A 1 5  ? 5.086   -2.791  7.203   1.00 23.22  ? 5   DG  A "O4'" 1 
ATOM   90  C "C3'" . DG  A 1 5  ? 6.050   -4.246  5.706   1.00 25.13  ? 5   DG  A "C3'" 1 
ATOM   91  O "O3'" . DG  A 1 5  ? 7.035   -5.256  5.627   1.00 30.95  ? 5   DG  A "O3'" 1 
ATOM   92  C "C2'" . DG  A 1 5  ? 4.682   -4.748  6.061   1.00 22.37  ? 5   DG  A "C2'" 1 
ATOM   93  C "C1'" . DG  A 1 5  ? 3.996   -3.514  6.598   1.00 18.75  ? 5   DG  A "C1'" 1 
ATOM   94  N N9    . DG  A 1 5  ? 3.263   -2.780  5.534   1.00 15.53  ? 5   DG  A N9    1 
ATOM   95  C C8    . DG  A 1 5  ? 3.461   -1.510  5.011   1.00 13.78  ? 5   DG  A C8    1 
ATOM   96  N N7    . DG  A 1 5  ? 2.529   -1.136  4.173   1.00 17.36  ? 5   DG  A N7    1 
ATOM   97  C C5    . DG  A 1 5  ? 1.637   -2.221  4.157   1.00 14.08  ? 5   DG  A C5    1 
ATOM   98  C C6    . DG  A 1 5  ? 0.436   -2.401  3.447   1.00 15.97  ? 5   DG  A C6    1 
ATOM   99  O O6    . DG  A 1 5  ? -0.129  -1.625  2.692   1.00 16.11  ? 5   DG  A O6    1 
ATOM   100 N N1    . DG  A 1 5  ? -0.123  -3.628  3.673   1.00 10.94  ? 5   DG  A N1    1 
ATOM   101 C C2    . DG  A 1 5  ? 0.340   -4.548  4.560   1.00 13.02  ? 5   DG  A C2    1 
ATOM   102 N N2    . DG  A 1 5  ? -0.321  -5.694  4.660   1.00 17.08  ? 5   DG  A N2    1 
ATOM   103 N N3    . DG  A 1 5  ? 1.424   -4.367  5.298   1.00 17.64  ? 5   DG  A N3    1 
ATOM   104 C C4    . DG  A 1 5  ? 2.059   -3.201  4.998   1.00 14.01  ? 5   DG  A C4    1 
ATOM   105 P P     . DC  A 1 6  ? 7.611   -5.556  4.166   1.00 30.63  ? 6   DC  A P     1 
ATOM   106 O OP1   . DC  A 1 6  ? 8.751   -6.370  4.634   1.00 37.13  ? 6   DC  A OP1   1 
ATOM   107 O OP2   . DC  A 1 6  ? 7.787   -4.578  3.071   1.00 32.71  ? 6   DC  A OP2   1 
ATOM   108 O "O5'" . DC  A 1 6  ? 6.549   -6.600  3.650   1.00 30.99  ? 6   DC  A "O5'" 1 
ATOM   109 C "C5'" . DC  A 1 6  ? 6.460   -7.916  4.203   1.00 32.70  ? 6   DC  A "C5'" 1 
ATOM   110 C "C4'" . DC  A 1 6  ? 5.199   -8.622  3.729   1.00 32.18  ? 6   DC  A "C4'" 1 
ATOM   111 O "O4'" . DC  A 1 6  ? 4.041   -7.801  4.027   1.00 31.07  ? 6   DC  A "O4'" 1 
ATOM   112 C "C3'" . DC  A 1 6  ? 5.213   -8.738  2.214   1.00 32.65  ? 6   DC  A "C3'" 1 
ATOM   113 O "O3'" . DC  A 1 6  ? 6.063   -9.787  1.724   1.00 31.31  ? 6   DC  A "O3'" 1 
ATOM   114 C "C2'" . DC  A 1 6  ? 3.744   -8.890  1.945   1.00 27.76  ? 6   DC  A "C2'" 1 
ATOM   115 C "C1'" . DC  A 1 6  ? 3.130   -7.895  2.909   1.00 27.13  ? 6   DC  A "C1'" 1 
ATOM   116 N N1    . DC  A 1 6  ? 2.882   -6.598  2.266   1.00 22.00  ? 6   DC  A N1    1 
ATOM   117 C C2    . DC  A 1 6  ? 1.678   -6.456  1.575   1.00 21.95  ? 6   DC  A C2    1 
ATOM   118 O O2    . DC  A 1 6  ? 0.859   -7.369  1.436   1.00 23.69  ? 6   DC  A O2    1 
ATOM   119 N N3    . DC  A 1 6  ? 1.386   -5.237  1.049   1.00 19.51  ? 6   DC  A N3    1 
ATOM   120 C C4    . DC  A 1 6  ? 2.235   -4.208  1.170   1.00 17.06  ? 6   DC  A C4    1 
ATOM   121 N N4    . DC  A 1 6  ? 1.850   -3.047  0.673   1.00 15.61  ? 6   DC  A N4    1 
ATOM   122 C C5    . DC  A 1 6  ? 3.504   -4.342  1.841   1.00 18.15  ? 6   DC  A C5    1 
ATOM   123 C C6    . DC  A 1 6  ? 3.745   -5.535  2.429   1.00 18.18  ? 6   DC  A C6    1 
ATOM   124 P P     . DC  A 1 7  ? 6.799   -9.397  0.345   1.00 38.17  ? 7   DC  A P     1 
ATOM   125 O OP1   . DC  A 1 7  ? 7.344   -10.736 0.644   1.00 37.68  ? 7   DC  A OP1   1 
ATOM   126 O OP2   . DC  A 1 7  ? 7.685   -8.208  0.294   1.00 37.20  ? 7   DC  A OP2   1 
ATOM   127 O "O5'" . DC  A 1 7  ? 5.946   -9.459  -1.023  1.00 33.84  ? 7   DC  A "O5'" 1 
ATOM   128 C "C5'" . DC  A 1 7  ? 5.064   -10.553 -1.256  1.00 28.49  ? 7   DC  A "C5'" 1 
ATOM   129 C "C4'" . DC  A 1 7  ? 3.842   -10.091 -2.000  1.00 26.15  ? 7   DC  A "C4'" 1 
ATOM   130 O "O4'" . DC  A 1 7  ? 3.201   -9.001  -1.335  1.00 23.96  ? 7   DC  A "O4'" 1 
ATOM   131 C "C3'" . DC  A 1 7  ? 4.168   -9.510  -3.330  1.00 26.28  ? 7   DC  A "C3'" 1 
ATOM   132 O "O3'" . DC  A 1 7  ? 4.558   -10.551 -4.222  1.00 27.22  ? 7   DC  A "O3'" 1 
ATOM   133 C "C2'" . DC  A 1 7  ? 2.803   -8.904  -3.612  1.00 24.31  ? 7   DC  A "C2'" 1 
ATOM   134 C "C1'" . DC  A 1 7  ? 2.361   -8.330  -2.283  1.00 22.24  ? 7   DC  A "C1'" 1 
ATOM   135 N N1    . DC  A 1 7  ? 2.556   -6.859  -2.212  1.00 21.70  ? 7   DC  A N1    1 
ATOM   136 C C2    . DC  A 1 7  ? 1.614   -6.067  -2.841  1.00 20.56  ? 7   DC  A C2    1 
ATOM   137 O O2    . DC  A 1 7  ? 0.611   -6.568  -3.349  1.00 23.22  ? 7   DC  A O2    1 
ATOM   138 N N3    . DC  A 1 7  ? 1.806   -4.723  -2.888  1.00 19.43  ? 7   DC  A N3    1 
ATOM   139 C C4    . DC  A 1 7  ? 2.876   -4.178  -2.300  1.00 18.53  ? 7   DC  A C4    1 
ATOM   140 N N4    . DC  A 1 7  ? 2.980   -2.851  -2.262  1.00 17.46  ? 7   DC  A N4    1 
ATOM   141 C C5    . DC  A 1 7  ? 3.890   -4.983  -1.698  1.00 17.35  ? 7   DC  A C5    1 
ATOM   142 C C6    . DC  A 1 7  ? 3.667   -6.309  -1.630  1.00 18.91  ? 7   DC  A C6    1 
ATOM   143 P P     . DC  A 1 8  ? 5.244   -10.060 -5.573  1.00 27.76  ? 8   DC  A P     1 
ATOM   144 O OP1   . DC  A 1 8  ? 5.685   -11.369 -6.122  1.00 29.31  ? 8   DC  A OP1   1 
ATOM   145 O OP2   . DC  A 1 8  ? 6.193   -8.967  -5.332  1.00 27.80  ? 8   DC  A OP2   1 
ATOM   146 O "O5'" . DC  A 1 8  ? 4.073   -9.470  -6.512  1.00 21.19  ? 8   DC  A "O5'" 1 
ATOM   147 C "C5'" . DC  A 1 8  ? 3.102   -10.366 -7.026  1.00 17.86  ? 8   DC  A "C5'" 1 
ATOM   148 C "C4'" . DC  A 1 8  ? 2.009   -9.560  -7.648  1.00 16.04  ? 8   DC  A "C4'" 1 
ATOM   149 O "O4'" . DC  A 1 8  ? 1.564   -8.630  -6.648  1.00 13.97  ? 8   DC  A "O4'" 1 
ATOM   150 C "C3'" . DC  A 1 8  ? 2.507   -8.746  -8.782  1.00 15.69  ? 8   DC  A "C3'" 1 
ATOM   151 O "O3'" . DC  A 1 8  ? 2.535   -9.523  -9.984  1.00 17.32  ? 8   DC  A "O3'" 1 
ATOM   152 C "C2'" . DC  A 1 8  ? 1.376   -7.747  -8.805  1.00 15.46  ? 8   DC  A "C2'" 1 
ATOM   153 C "C1'" . DC  A 1 8  ? 1.059   -7.481  -7.361  1.00 12.38  ? 8   DC  A "C1'" 1 
ATOM   154 N N1    . DC  A 1 8  ? 1.691   -6.234  -6.895  1.00 13.50  ? 8   DC  A N1    1 
ATOM   155 C C2    . DC  A 1 8  ? 1.077   -5.055  -7.285  1.00 14.29  ? 8   DC  A C2    1 
ATOM   156 O O2    . DC  A 1 8  ? 0.028   -5.039  -7.935  1.00 15.80  ? 8   DC  A O2    1 
ATOM   157 N N3    . DC  A 1 8  ? 1.667   -3.883  -6.921  1.00 16.88  ? 8   DC  A N3    1 
ATOM   158 C C4    . DC  A 1 8  ? 2.800   -3.883  -6.184  1.00 15.87  ? 8   DC  A C4    1 
ATOM   159 N N4    . DC  A 1 8  ? 3.337   -2.708  -5.838  1.00 17.91  ? 8   DC  A N4    1 
ATOM   160 C C5    . DC  A 1 8  ? 3.464   -5.093  -5.795  1.00 14.26  ? 8   DC  A C5    1 
ATOM   161 C C6    . DC  A 1 8  ? 2.910   -6.242  -6.238  1.00 14.99  ? 8   DC  A C6    1 
ATOM   162 P P     . DG  A 1 9  ? 3.355   -9.031  -11.249 1.00 23.05  ? 9   DG  A P     1 
ATOM   163 O OP1   . DG  A 1 9  ? 3.299   -10.201 -12.135 1.00 27.18  ? 9   DG  A OP1   1 
ATOM   164 O OP2   . DG  A 1 9  ? 4.648   -8.466  -10.800 1.00 26.12  ? 9   DG  A OP2   1 
ATOM   165 O "O5'" . DG  A 1 9  ? 2.518   -7.879  -11.947 1.00 19.59  ? 9   DG  A "O5'" 1 
ATOM   166 C "C5'" . DG  A 1 9  ? 1.252   -8.176  -12.532 1.00 17.74  ? 9   DG  A "C5'" 1 
ATOM   167 C "C4'" . DG  A 1 9  ? 0.651   -6.899  -13.024 1.00 16.01  ? 9   DG  A "C4'" 1 
ATOM   168 O "O4'" . DG  A 1 9  ? 0.417   -6.091  -11.860 1.00 16.40  ? 9   DG  A "O4'" 1 
ATOM   169 C "C3'" . DG  A 1 9  ? 1.640   -6.041  -13.817 1.00 17.84  ? 9   DG  A "C3'" 1 
ATOM   170 O "O3'" . DG  A 1 9  ? 1.717   -6.435  -15.170 1.00 14.31  ? 9   DG  A "O3'" 1 
ATOM   171 C "C2'" . DG  A 1 9  ? 0.890   -4.742  -13.670 1.00 15.11  ? 9   DG  A "C2'" 1 
ATOM   172 C "C1'" . DG  A 1 9  ? 0.600   -4.702  -12.186 1.00 17.41  ? 9   DG  A "C1'" 1 
ATOM   173 N N9    . DG  A 1 9  ? 1.743   -4.134  -11.431 1.00 13.39  ? 9   DG  A N9    1 
ATOM   174 C C8    . DG  A 1 9  ? 2.639   -4.725  -10.573 1.00 9.24   ? 9   DG  A C8    1 
ATOM   175 N N7    . DG  A 1 9  ? 3.322   -3.889  -9.830  1.00 14.78  ? 9   DG  A N7    1 
ATOM   176 C C5    . DG  A 1 9  ? 2.939   -2.643  -10.342 1.00 10.37  ? 9   DG  A C5    1 
ATOM   177 C C6    . DG  A 1 9  ? 3.338   -1.333  -9.960  1.00 17.29  ? 9   DG  A C6    1 
ATOM   178 O O6    . DG  A 1 9  ? 4.145   -1.039  -9.086  1.00 17.92  ? 9   DG  A O6    1 
ATOM   179 N N1    . DG  A 1 9  ? 2.683   -0.342  -10.694 1.00 12.84  ? 9   DG  A N1    1 
ATOM   180 C C2    . DG  A 1 9  ? 1.681   -0.573  -11.621 1.00 16.32  ? 9   DG  A C2    1 
ATOM   181 N N2    . DG  A 1 9  ? 1.125   0.469   -12.267 1.00 15.28  ? 9   DG  A N2    1 
ATOM   182 N N3    . DG  A 1 9  ? 1.275   -1.802  -11.945 1.00 14.58  ? 9   DG  A N3    1 
ATOM   183 C C4    . DG  A 1 9  ? 1.950   -2.782  -11.280 1.00 15.46  ? 9   DG  A C4    1 
ATOM   184 P P     . DC  A 1 10 ? 2.992   -6.015  -16.060 1.00 21.54  ? 10  DC  A P     1 
ATOM   185 O OP1   . DC  A 1 10 ? 2.710   -6.685  -17.332 1.00 24.19  ? 10  DC  A OP1   1 
ATOM   186 O OP2   . DC  A 1 10 ? 4.216   -6.340  -15.296 1.00 23.81  ? 10  DC  A OP2   1 
ATOM   187 O "O5'" . DC  A 1 10 ? 2.915   -4.438  -16.310 1.00 19.92  ? 10  DC  A "O5'" 1 
ATOM   188 C "C5'" . DC  A 1 10 ? 1.912   -3.824  -17.093 1.00 18.10  ? 10  DC  A "C5'" 1 
ATOM   189 C "C4'" . DC  A 1 10 ? 2.155   -2.323  -17.127 1.00 18.17  ? 10  DC  A "C4'" 1 
ATOM   190 O "O4'" . DC  A 1 10 ? 2.114   -1.798  -15.807 1.00 15.85  ? 10  DC  A "O4'" 1 
ATOM   191 C "C3'" . DC  A 1 10 ? 3.542   -1.977  -17.649 1.00 18.20  ? 10  DC  A "C3'" 1 
ATOM   192 O "O3'" . DC  A 1 10 ? 3.611   -1.996  -19.095 1.00 15.08  ? 10  DC  A "O3'" 1 
ATOM   193 C "C2'" . DC  A 1 10 ? 3.730   -0.593  -17.083 1.00 17.88  ? 10  DC  A "C2'" 1 
ATOM   194 C "C1'" . DC  A 1 10 ? 2.958   -0.630  -15.747 1.00 17.22  ? 10  DC  A "C1'" 1 
ATOM   195 N N1    . DC  A 1 10 ? 3.875   -0.775  -14.602 1.00 15.72  ? 10  DC  A N1    1 
ATOM   196 C C2    . DC  A 1 10 ? 4.411   0.365   -14.068 1.00 16.09  ? 10  DC  A C2    1 
ATOM   197 O O2    . DC  A 1 10 ? 4.148   1.489   -14.521 1.00 16.77  ? 10  DC  A O2    1 
ATOM   198 N N3    . DC  A 1 10 ? 5.247   0.202   -13.012 1.00 17.19  ? 10  DC  A N3    1 
ATOM   199 C C4    . DC  A 1 10 ? 5.608   -1.003  -12.535 1.00 18.11  ? 10  DC  A C4    1 
ATOM   200 N N4    . DC  A 1 10 ? 6.536   -1.062  -11.569 1.00 18.88  ? 10  DC  A N4    1 
ATOM   201 C C5    . DC  A 1 10 ? 5.103   -2.191  -13.126 1.00 17.21  ? 10  DC  A C5    1 
ATOM   202 C C6    . DC  A 1 10 ? 4.280   -2.025  -14.177 1.00 17.26  ? 10  DC  A C6    1 
ATOM   203 O "O5'" . DG  B 1 1  ? 8.883   7.535   -6.970  1.00 45.18  ? 11  DG  B "O5'" 1 
ATOM   204 C "C5'" . DG  B 1 1  ? 8.599   8.855   -7.477  1.00 39.18  ? 11  DG  B "C5'" 1 
ATOM   205 C "C4'" . DG  B 1 1  ? 7.855   8.868   -8.814  1.00 36.16  ? 11  DG  B "C4'" 1 
ATOM   206 O "O4'" . DG  B 1 1  ? 8.531   8.034   -9.759  1.00 35.90  ? 11  DG  B "O4'" 1 
ATOM   207 C "C3'" . DG  B 1 1  ? 6.454   8.321   -8.729  1.00 34.37  ? 11  DG  B "C3'" 1 
ATOM   208 O "O3'" . DG  B 1 1  ? 5.551   9.309   -8.233  1.00 31.13  ? 11  DG  B "O3'" 1 
ATOM   209 C "C2'" . DG  B 1 1  ? 6.263   8.003   -10.192 1.00 32.96  ? 11  DG  B "C2'" 1 
ATOM   210 C "C1'" . DG  B 1 1  ? 7.568   7.339   -10.565 1.00 33.04  ? 11  DG  B "C1'" 1 
ATOM   211 N N9    . DG  B 1 1  ? 7.626   5.889   -10.236 1.00 29.58  ? 11  DG  B N9    1 
ATOM   212 C C8    . DG  B 1 1  ? 8.549   5.267   -9.455  1.00 27.83  ? 11  DG  B C8    1 
ATOM   213 N N7    . DG  B 1 1  ? 8.612   3.988   -9.609  1.00 28.77  ? 11  DG  B N7    1 
ATOM   214 C C5    . DG  B 1 1  ? 7.608   3.702   -10.500 1.00 27.03  ? 11  DG  B C5    1 
ATOM   215 C C6    . DG  B 1 1  ? 7.194   2.445   -11.012 1.00 28.31  ? 11  DG  B C6    1 
ATOM   216 O O6    . DG  B 1 1  ? 7.561   1.314   -10.665 1.00 27.24  ? 11  DG  B O6    1 
ATOM   217 N N1    . DG  B 1 1  ? 6.253   2.618   -12.014 1.00 26.06  ? 11  DG  B N1    1 
ATOM   218 C C2    . DG  B 1 1  ? 5.720   3.836   -12.425 1.00 25.46  ? 11  DG  B C2    1 
ATOM   219 N N2    . DG  B 1 1  ? 4.801   3.840   -13.392 1.00 25.68  ? 11  DG  B N2    1 
ATOM   220 N N3    . DG  B 1 1  ? 6.055   4.999   -11.871 1.00 26.95  ? 11  DG  B N3    1 
ATOM   221 C C4    . DG  B 1 1  ? 7.036   4.861   -10.950 1.00 28.74  ? 11  DG  B C4    1 
ATOM   222 P P     . DC  B 1 2  ? 4.203   8.797   -7.554  1.00 31.61  ? 12  DC  B P     1 
ATOM   223 O OP1   . DC  B 1 2  ? 3.625   10.133  -7.297  1.00 34.00  ? 12  DC  B OP1   1 
ATOM   224 O OP2   . DC  B 1 2  ? 4.335   7.830   -6.441  1.00 29.99  ? 12  DC  B OP2   1 
ATOM   225 O "O5'" . DC  B 1 2  ? 3.270   8.101   -8.648  1.00 30.63  ? 12  DC  B "O5'" 1 
ATOM   226 C "C5'" . DC  B 1 2  ? 2.692   8.856   -9.712  1.00 27.48  ? 12  DC  B "C5'" 1 
ATOM   227 C "C4'" . DC  B 1 2  ? 2.091   7.889   -10.698 1.00 26.57  ? 12  DC  B "C4'" 1 
ATOM   228 O "O4'" . DC  B 1 2  ? 3.072   6.929   -11.139 1.00 25.56  ? 12  DC  B "O4'" 1 
ATOM   229 C "C3'" . DC  B 1 2  ? 1.043   7.069   -9.976  1.00 25.68  ? 12  DC  B "C3'" 1 
ATOM   230 O "O3'" . DC  B 1 2  ? -0.184  7.802   -9.792  1.00 26.04  ? 12  DC  B "O3'" 1 
ATOM   231 C "C2'" . DC  B 1 2  ? 0.972   5.869   -10.910 1.00 24.04  ? 12  DC  B "C2'" 1 
ATOM   232 C "C1'" . DC  B 1 2  ? 2.438   5.628   -11.252 1.00 22.64  ? 12  DC  B "C1'" 1 
ATOM   233 N N1    . DC  B 1 2  ? 3.051   4.611   -10.356 1.00 20.81  ? 12  DC  B N1    1 
ATOM   234 C C2    . DC  B 1 2  ? 2.877   3.282   -10.706 1.00 18.73  ? 12  DC  B C2    1 
ATOM   235 O O2    . DC  B 1 2  ? 2.191   2.982   -11.671 1.00 22.51  ? 12  DC  B O2    1 
ATOM   236 N N3    . DC  B 1 2  ? 3.499   2.321   -9.993  1.00 18.97  ? 12  DC  B N3    1 
ATOM   237 C C4    . DC  B 1 2  ? 4.266   2.644   -8.939  1.00 22.87  ? 12  DC  B C4    1 
ATOM   238 N N4    . DC  B 1 2  ? 4.904   1.671   -8.289  1.00 22.89  ? 12  DC  B N4    1 
ATOM   239 C C5    . DC  B 1 2  ? 4.478   4.016   -8.554  1.00 15.46  ? 12  DC  B C5    1 
ATOM   240 C C6    . DC  B 1 2  ? 3.896   4.949   -9.321  1.00 19.56  ? 12  DC  B C6    1 
ATOM   241 P P     . DG  B 1 3  ? -1.124  7.297   -8.613  1.00 27.72  ? 13  DG  B P     1 
ATOM   242 O OP1   . DG  B 1 3  ? -2.186  8.310   -8.806  1.00 29.83  ? 13  DG  B OP1   1 
ATOM   243 O OP2   . DG  B 1 3  ? -0.400  7.194   -7.329  1.00 25.16  ? 13  DG  B OP2   1 
ATOM   244 O "O5'" . DG  B 1 3  ? -1.761  5.865   -8.915  1.00 25.38  ? 13  DG  B "O5'" 1 
ATOM   245 C "C5'" . DG  B 1 3  ? -2.713  5.722   -9.952  1.00 22.99  ? 13  DG  B "C5'" 1 
ATOM   246 C "C4'" . DG  B 1 3  ? -2.925  4.273   -10.306 1.00 21.71  ? 13  DG  B "C4'" 1 
ATOM   247 O "O4'" . DG  B 1 3  ? -1.698  3.635   -10.684 1.00 21.37  ? 13  DG  B "O4'" 1 
ATOM   248 C "C3'" . DG  B 1 3  ? -3.419  3.476   -9.140  1.00 20.91  ? 13  DG  B "C3'" 1 
ATOM   249 O "O3'" . DG  B 1 3  ? -4.791  3.774   -8.827  1.00 22.17  ? 13  DG  B "O3'" 1 
ATOM   250 C "C2'" . DG  B 1 3  ? -3.192  2.130   -9.790  1.00 22.15  ? 13  DG  B "C2'" 1 
ATOM   251 C "C1'" . DG  B 1 3  ? -1.787  2.245   -10.340 1.00 20.37  ? 13  DG  B "C1'" 1 
ATOM   252 N N9    . DG  B 1 3  ? -0.780  1.855   -9.310  1.00 18.48  ? 13  DG  B N9    1 
ATOM   253 C C8    . DG  B 1 3  ? 0.038   2.652   -8.581  1.00 14.47  ? 13  DG  B C8    1 
ATOM   254 N N7    . DG  B 1 3  ? 0.888   2.023   -7.816  1.00 15.15  ? 13  DG  B N7    1 
ATOM   255 C C5    . DG  B 1 3  ? 0.572   0.694   -8.002  1.00 14.61  ? 13  DG  B C5    1 
ATOM   256 C C6    . DG  B 1 3  ? 1.188   -0.448  -7.442  1.00 17.11  ? 13  DG  B C6    1 
ATOM   257 O O6    . DG  B 1 3  ? 2.143   -0.463  -6.659  1.00 14.84  ? 13  DG  B O6    1 
ATOM   258 N N1    . DG  B 1 3  ? 0.596   -1.632  -7.934  1.00 11.01  ? 13  DG  B N1    1 
ATOM   259 C C2    . DG  B 1 3  ? -0.424  -1.661  -8.871  1.00 12.64  ? 13  DG  B C2    1 
ATOM   260 N N2    . DG  B 1 3  ? -0.983  -2.818  -9.159  1.00 17.59  ? 13  DG  B N2    1 
ATOM   261 N N3    . DG  B 1 3  ? -0.905  -0.586  -9.492  1.00 15.96  ? 13  DG  B N3    1 
ATOM   262 C C4    . DG  B 1 3  ? -0.402  0.568   -8.962  1.00 17.37  ? 13  DG  B C4    1 
ATOM   263 P P     . DG  B 1 4  ? -5.348  3.514   -7.332  1.00 30.57  ? 14  DG  B P     1 
ATOM   264 O OP1   . DG  B 1 4  ? -6.659  4.020   -7.803  1.00 33.23  ? 14  DG  B OP1   1 
ATOM   265 O OP2   . DG  B 1 4  ? -4.536  4.285   -6.378  1.00 33.78  ? 14  DG  B OP2   1 
ATOM   266 O "O5'" . DG  B 1 4  ? -5.421  1.970   -6.908  1.00 30.43  ? 14  DG  B "O5'" 1 
ATOM   267 C "C5'" . DG  B 1 4  ? -6.266  1.116   -7.655  1.00 28.75  ? 14  DG  B "C5'" 1 
ATOM   268 C "C4'" . DG  B 1 4  ? -5.818  -0.310  -7.531  1.00 27.00  ? 14  DG  B "C4'" 1 
ATOM   269 O "O4'" . DG  B 1 4  ? -4.423  -0.446  -7.876  1.00 26.97  ? 14  DG  B "O4'" 1 
ATOM   270 C "C3'" . DG  B 1 4  ? -5.933  -0.845  -6.115  1.00 26.15  ? 14  DG  B "C3'" 1 
ATOM   271 O "O3'" . DG  B 1 4  ? -7.289  -1.123  -5.784  1.00 28.77  ? 14  DG  B "O3'" 1 
ATOM   272 C "C2'" . DG  B 1 4  ? -5.091  -2.097  -6.311  1.00 24.09  ? 14  DG  B "C2'" 1 
ATOM   273 C "C1'" . DG  B 1 4  ? -3.907  -1.576  -7.128  1.00 22.97  ? 14  DG  B "C1'" 1 
ATOM   274 N N9    . DG  B 1 4  ? -2.771  -1.173  -6.286  1.00 17.62  ? 14  DG  B N9    1 
ATOM   275 C C8    . DG  B 1 4  ? -2.293  0.068   -6.008  1.00 16.16  ? 14  DG  B C8    1 
ATOM   276 N N7    . DG  B 1 4  ? -1.308  0.052   -5.164  1.00 18.07  ? 14  DG  B N7    1 
ATOM   277 C C5    . DG  B 1 4  ? -1.140  -1.293  -4.827  1.00 18.28  ? 14  DG  B C5    1 
ATOM   278 C C6    . DG  B 1 4  ? -0.129  -1.945  -4.053  1.00 18.06  ? 14  DG  B C6    1 
ATOM   279 O O6    . DG  B 1 4  ? 0.802   -1.452  -3.421  1.00 20.98  ? 14  DG  B O6    1 
ATOM   280 N N1    . DG  B 1 4  ? -0.213  -3.331  -4.136  1.00 17.26  ? 14  DG  B N1    1 
ATOM   281 C C2    . DG  B 1 4  ? -1.153  -4.007  -4.888  1.00 18.13  ? 14  DG  B C2    1 
ATOM   282 N N2    . DG  B 1 4  ? -1.186  -5.334  -4.819  1.00 21.77  ? 14  DG  B N2    1 
ATOM   283 N N3    . DG  B 1 4  ? -2.071  -3.385  -5.648  1.00 21.08  ? 14  DG  B N3    1 
ATOM   284 C C4    . DG  B 1 4  ? -2.006  -2.040  -5.562  1.00 18.78  ? 14  DG  B C4    1 
ATOM   285 P P     . DG  B 1 5  ? -7.738  -1.056  -4.256  1.00 30.03  ? 15  DG  B P     1 
ATOM   286 O OP1   . DG  B 1 5  ? -9.171  -1.027  -4.652  1.00 31.78  ? 15  DG  B OP1   1 
ATOM   287 O OP2   . DG  B 1 5  ? -7.183  0.039   -3.444  1.00 31.30  ? 15  DG  B OP2   1 
ATOM   288 O "O5'" . DG  B 1 5  ? -7.400  -2.435  -3.587  1.00 28.46  ? 15  DG  B "O5'" 1 
ATOM   289 C "C5'" . DG  B 1 5  ? -8.114  -3.565  -4.053  1.00 30.69  ? 15  DG  B "C5'" 1 
ATOM   290 C "C4'" . DG  B 1 5  ? -7.402  -4.856  -3.724  1.00 32.30  ? 15  DG  B "C4'" 1 
ATOM   291 O "O4'" . DG  B 1 5  ? -6.028  -4.862  -4.166  1.00 30.38  ? 15  DG  B "O4'" 1 
ATOM   292 C "C3'" . DG  B 1 5  ? -7.342  -4.955  -2.230  1.00 33.47  ? 15  DG  B "C3'" 1 
ATOM   293 O "O3'" . DG  B 1 5  ? -8.620  -5.361  -1.715  1.00 36.58  ? 15  DG  B "O3'" 1 
ATOM   294 C "C2'" . DG  B 1 5  ? -6.225  -5.957  -2.107  1.00 31.84  ? 15  DG  B "C2'" 1 
ATOM   295 C "C1'" . DG  B 1 5  ? -5.225  -5.505  -3.162  1.00 28.58  ? 15  DG  B "C1'" 1 
ATOM   296 N N9    . DG  B 1 5  ? -4.246  -4.577  -2.567  1.00 22.90  ? 15  DG  B N9    1 
ATOM   297 C C8    . DG  B 1 5  ? -4.180  -3.207  -2.617  1.00 18.34  ? 15  DG  B C8    1 
ATOM   298 N N7    . DG  B 1 5  ? -3.094  -2.723  -2.084  1.00 21.11  ? 15  DG  B N7    1 
ATOM   299 C C5    . DG  B 1 5  ? -2.425  -3.844  -1.624  1.00 20.03  ? 15  DG  B C5    1 
ATOM   300 C C6    . DG  B 1 5  ? -1.263  -3.931  -0.867  1.00 19.38  ? 15  DG  B C6    1 
ATOM   301 O O6    . DG  B 1 5  ? -0.523  -3.015  -0.528  1.00 21.81  ? 15  DG  B O6    1 
ATOM   302 N N1    . DG  B 1 5  ? -1.002  -5.228  -0.488  1.00 17.65  ? 15  DG  B N1    1 
ATOM   303 C C2    . DG  B 1 5  ? -1.715  -6.340  -0.875  1.00 20.39  ? 15  DG  B C2    1 
ATOM   304 N N2    . DG  B 1 5  ? -1.308  -7.534  -0.451  1.00 20.35  ? 15  DG  B N2    1 
ATOM   305 N N3    . DG  B 1 5  ? -2.805  -6.266  -1.621  1.00 20.55  ? 15  DG  B N3    1 
ATOM   306 C C4    . DG  B 1 5  ? -3.110  -4.985  -1.936  1.00 21.23  ? 15  DG  B C4    1 
ATOM   307 P P     . DC  B 1 6  ? -9.017  -4.669  -0.338  1.00 36.55  ? 16  DC  B P     1 
ATOM   308 O OP1   . DC  B 1 6  ? -10.120 -5.550  -0.775  1.00 41.45  ? 16  DC  B OP1   1 
ATOM   309 O OP2   . DC  B 1 6  ? -9.263  -3.246  -0.075  1.00 38.36  ? 16  DC  B OP2   1 
ATOM   310 O "O5'" . DC  B 1 6  ? -8.308  -5.361  0.905   1.00 30.71  ? 16  DC  B "O5'" 1 
ATOM   311 C "C5'" . DC  B 1 6  ? -8.464  -6.767  1.054   1.00 26.95  ? 16  DC  B "C5'" 1 
ATOM   312 C "C4'" . DC  B 1 6  ? -7.321  -7.269  1.871   1.00 27.77  ? 16  DC  B "C4'" 1 
ATOM   313 O "O4'" . DC  B 1 6  ? -6.133  -6.942  1.161   1.00 24.15  ? 16  DC  B "O4'" 1 
ATOM   314 C "C3'" . DC  B 1 6  ? -7.192  -6.478  3.162   1.00 28.09  ? 16  DC  B "C3'" 1 
ATOM   315 O "O3'" . DC  B 1 6  ? -8.080  -7.038  4.132   1.00 31.29  ? 16  DC  B "O3'" 1 
ATOM   316 C "C2'" . DC  B 1 6  ? -5.754  -6.735  3.475   1.00 25.90  ? 16  DC  B "C2'" 1 
ATOM   317 C "C1'" . DC  B 1 6  ? -5.096  -6.687  2.116   1.00 25.50  ? 16  DC  B "C1'" 1 
ATOM   318 N N1    . DC  B 1 6  ? -4.455  -5.371  1.898   1.00 22.56  ? 16  DC  B N1    1 
ATOM   319 C C2    . DC  B 1 6  ? -3.230  -5.158  2.517   1.00 22.89  ? 16  DC  B C2    1 
ATOM   320 O O2    . DC  B 1 6  ? -2.659  -6.052  3.161   1.00 25.12  ? 16  DC  B O2    1 
ATOM   321 N N3    . DC  B 1 6  ? -2.676  -3.915  2.406   1.00 22.76  ? 16  DC  B N3    1 
ATOM   322 C C4    . DC  B 1 6  ? -3.307  -2.920  1.761   1.00 18.69  ? 16  DC  B C4    1 
ATOM   323 N N4    . DC  B 1 6  ? -2.718  -1.739  1.695   1.00 18.37  ? 16  DC  B N4    1 
ATOM   324 C C5    . DC  B 1 6  ? -4.571  -3.128  1.139   1.00 21.07  ? 16  DC  B C5    1 
ATOM   325 C C6    . DC  B 1 6  ? -5.082  -4.378  1.196   1.00 22.33  ? 16  DC  B C6    1 
ATOM   326 P P     . DC  B 1 7  ? -8.483  -6.162  5.383   1.00 29.69  ? 17  DC  B P     1 
ATOM   327 O OP1   . DC  B 1 7  ? -9.517  -7.107  5.837   1.00 32.20  ? 17  DC  B OP1   1 
ATOM   328 O OP2   . DC  B 1 7  ? -8.791  -4.767  5.011   1.00 29.33  ? 17  DC  B OP2   1 
ATOM   329 O "O5'" . DC  B 1 7  ? -7.291  -6.172  6.403   1.00 26.96  ? 17  DC  B "O5'" 1 
ATOM   330 C "C5'" . DC  B 1 7  ? -7.108  -7.386  7.102   1.00 27.26  ? 17  DC  B "C5'" 1 
ATOM   331 C "C4'" . DC  B 1 7  ? -5.848  -7.278  7.862   1.00 25.06  ? 17  DC  B "C4'" 1 
ATOM   332 O "O4'" . DC  B 1 7  ? -4.861  -6.884  6.919   1.00 27.59  ? 17  DC  B "O4'" 1 
ATOM   333 C "C3'" . DC  B 1 7  ? -5.870  -6.159  8.827   1.00 24.19  ? 17  DC  B "C3'" 1 
ATOM   334 O "O3'" . DC  B 1 7  ? -6.553  -6.524  10.017  1.00 25.59  ? 17  DC  B "O3'" 1 
ATOM   335 C "C2'" . DC  B 1 7  ? -4.389  -6.040  9.015   1.00 22.76  ? 17  DC  B "C2'" 1 
ATOM   336 C "C1'" . DC  B 1 7  ? -3.839  -6.132  7.593   1.00 24.35  ? 17  DC  B "C1'" 1 
ATOM   337 N N1    . DC  B 1 7  ? -3.644  -4.835  6.916   1.00 18.59  ? 17  DC  B N1    1 
ATOM   338 C C2    . DC  B 1 7  ? -2.438  -4.157  7.143   1.00 20.58  ? 17  DC  B C2    1 
ATOM   339 O O2    . DC  B 1 7  ? -1.590  -4.557  7.942   1.00 22.75  ? 17  DC  B O2    1 
ATOM   340 N N3    . DC  B 1 7  ? -2.201  -3.013  6.435   1.00 18.61  ? 17  DC  B N3    1 
ATOM   341 C C4    . DC  B 1 7  ? -3.097  -2.532  5.561   1.00 17.48  ? 17  DC  B C4    1 
ATOM   342 N N4    . DC  B 1 7  ? -2.784  -1.419  4.900   1.00 17.87  ? 17  DC  B N4    1 
ATOM   343 C C5    . DC  B 1 7  ? -4.372  -3.173  5.365   1.00 18.63  ? 17  DC  B C5    1 
ATOM   344 C C6    . DC  B 1 7  ? -4.564  -4.345  6.013   1.00 19.08  ? 17  DC  B C6    1 
ATOM   345 P P     . DC  B 1 8  ? -7.258  -5.339  10.831  1.00 28.72  ? 18  DC  B P     1 
ATOM   346 O OP1   . DC  B 1 8  ? -8.009  -6.038  11.879  1.00 32.62  ? 18  DC  B OP1   1 
ATOM   347 O OP2   . DC  B 1 8  ? -7.969  -4.583  9.768   1.00 30.67  ? 18  DC  B OP2   1 
ATOM   348 O "O5'" . DC  B 1 8  ? -6.187  -4.332  11.510  1.00 29.97  ? 18  DC  B "O5'" 1 
ATOM   349 C "C5'" . DC  B 1 8  ? -5.261  -4.768  12.517  1.00 25.92  ? 18  DC  B "C5'" 1 
ATOM   350 C "C4'" . DC  B 1 8  ? -4.115  -3.804  12.606  1.00 25.08  ? 18  DC  B "C4'" 1 
ATOM   351 O "O4'" . DC  B 1 8  ? -3.593  -3.669  11.281  1.00 24.66  ? 18  DC  B "O4'" 1 
ATOM   352 C "C3'" . DC  B 1 8  ? -4.498  -2.374  12.973  1.00 24.85  ? 18  DC  B "C3'" 1 
ATOM   353 O "O3'" . DC  B 1 8  ? -4.649  -2.166  14.389  1.00 25.90  ? 18  DC  B "O3'" 1 
ATOM   354 C "C2'" . DC  B 1 8  ? -3.274  -1.655  12.445  1.00 22.02  ? 18  DC  B "C2'" 1 
ATOM   355 C "C1'" . DC  B 1 8  ? -2.892  -2.425  11.191  1.00 20.79  ? 18  DC  B "C1'" 1 
ATOM   356 N N1    . DC  B 1 8  ? -3.254  -1.712  9.967   1.00 19.88  ? 18  DC  B N1    1 
ATOM   357 C C2    . DC  B 1 8  ? -2.450  -0.660  9.584   1.00 17.38  ? 18  DC  B C2    1 
ATOM   358 O O2    . DC  B 1 8  ? -1.381  -0.400  10.130  1.00 21.22  ? 18  DC  B O2    1 
ATOM   359 N N3    . DC  B 1 8  ? -2.851  0.116   8.585   1.00 16.46  ? 18  DC  B N3    1 
ATOM   360 C C4    . DC  B 1 8  ? -4.011  -0.094  7.984   1.00 17.73  ? 18  DC  B C4    1 
ATOM   361 N N4    . DC  B 1 8  ? -4.313  0.692   6.959   1.00 16.43  ? 18  DC  B N4    1 
ATOM   362 C C5    . DC  B 1 8  ? -4.887  -1.143  8.382   1.00 14.95  ? 18  DC  B C5    1 
ATOM   363 C C6    . DC  B 1 8  ? -4.447  -1.950  9.357   1.00 18.57  ? 18  DC  B C6    1 
ATOM   364 P P     . DG  B 1 9  ? -5.485  -0.850  14.789  1.00 29.44  ? 19  DG  B P     1 
ATOM   365 O OP1   . DG  B 1 9  ? -5.689  -1.307  16.179  1.00 33.57  ? 19  DG  B OP1   1 
ATOM   366 O OP2   . DG  B 1 9  ? -6.629  -0.500  13.913  1.00 31.50  ? 19  DG  B OP2   1 
ATOM   367 O "O5'" . DG  B 1 9  ? -4.479  0.409   14.782  1.00 28.16  ? 19  DG  B "O5'" 1 
ATOM   368 C "C5'" . DG  B 1 9  ? -3.327  0.406   15.599  1.00 23.83  ? 19  DG  B "C5'" 1 
ATOM   369 C "C4'" . DG  B 1 9  ? -2.359  1.415   15.023  1.00 18.58  ? 19  DG  B "C4'" 1 
ATOM   370 O "O4'" . DG  B 1 9  ? -2.150  1.210   13.604  1.00 16.02  ? 19  DG  B "O4'" 1 
ATOM   371 C "C3'" . DG  B 1 9  ? -2.909  2.808   15.136  1.00 18.17  ? 19  DG  B "C3'" 1 
ATOM   372 O "O3'" . DG  B 1 9  ? -2.699  3.266   16.479  1.00 18.20  ? 19  DG  B "O3'" 1 
ATOM   373 C "C2'" . DG  B 1 9  ? -2.008  3.453   14.113  1.00 14.18  ? 19  DG  B "C2'" 1 
ATOM   374 C "C1'" . DG  B 1 9  ? -1.944  2.466   12.962  1.00 15.55  ? 19  DG  B "C1'" 1 
ATOM   375 N N9    . DG  B 1 9  ? -2.988  2.755   11.941  1.00 16.96  ? 19  DG  B N9    1 
ATOM   376 C C8    . DG  B 1 9  ? -4.082  2.005   11.525  1.00 17.05  ? 19  DG  B C8    1 
ATOM   377 N N7    . DG  B 1 9  ? -4.649  2.443   10.421  1.00 15.93  ? 19  DG  B N7    1 
ATOM   378 C C5    . DG  B 1 9  ? -3.855  3.540   10.080  1.00 14.98  ? 19  DG  B C5    1 
ATOM   379 C C6    . DG  B 1 9  ? -3.999  4.453   9.028   1.00 15.95  ? 19  DG  B C6    1 
ATOM   380 O O6    . DG  B 1 9  ? -4.823  4.424   8.140   1.00 19.34  ? 19  DG  B O6    1 
ATOM   381 N N1    . DG  B 1 9  ? -3.088  5.504   9.079   1.00 15.87  ? 19  DG  B N1    1 
ATOM   382 C C2    . DG  B 1 9  ? -2.128  5.642   10.057  1.00 15.18  ? 19  DG  B C2    1 
ATOM   383 N N2    . DG  B 1 9  ? -1.340  6.711   10.016  1.00 16.02  ? 19  DG  B N2    1 
ATOM   384 N N3    . DG  B 1 9  ? -1.987  4.773   11.057  1.00 17.50  ? 19  DG  B N3    1 
ATOM   385 C C4    . DG  B 1 9  ? -2.872  3.747   11.000  1.00 14.70  ? 19  DG  B C4    1 
ATOM   386 P P     . DC  B 1 10 ? -3.390  4.636   16.987  1.00 24.07  ? 20  DC  B P     1 
ATOM   387 O OP1   . DC  B 1 10 ? -2.825  4.611   18.345  1.00 21.55  ? 20  DC  B OP1   1 
ATOM   388 O OP2   . DC  B 1 10 ? -4.842  4.547   16.705  1.00 24.13  ? 20  DC  B OP2   1 
ATOM   389 O "O5'" . DC  B 1 10 ? -2.774  5.854   16.175  1.00 23.26  ? 20  DC  B "O5'" 1 
ATOM   390 C "C5'" . DC  B 1 10 ? -1.492  6.404   16.482  1.00 21.20  ? 20  DC  B "C5'" 1 
ATOM   391 C "C4'" . DC  B 1 10 ? -1.296  7.651   15.621  1.00 18.00  ? 20  DC  B "C4'" 1 
ATOM   392 O "O4'" . DC  B 1 10 ? -1.489  7.243   14.251  1.00 16.25  ? 20  DC  B "O4'" 1 
ATOM   393 C "C3'" . DC  B 1 10 ? -2.345  8.749   15.870  1.00 18.34  ? 20  DC  B "C3'" 1 
ATOM   394 O "O3'" . DC  B 1 10 ? -1.973  9.675   16.891  1.00 22.40  ? 20  DC  B "O3'" 1 
ATOM   395 C "C2'" . DC  B 1 10 ? -2.387  9.428   14.536  1.00 15.36  ? 20  DC  B "C2'" 1 
ATOM   396 C "C1'" . DC  B 1 10 ? -2.110  8.317   13.535  1.00 17.43  ? 20  DC  B "C1'" 1 
ATOM   397 N N1    . DC  B 1 10 ? -3.320  7.845   12.808  1.00 16.15  ? 20  DC  B N1    1 
ATOM   398 C C2    . DC  B 1 10 ? -3.663  8.499   11.658  1.00 17.30  ? 20  DC  B C2    1 
ATOM   399 O O2    . DC  B 1 10 ? -3.151  9.564   11.315  1.00 16.89  ? 20  DC  B O2    1 
ATOM   400 N N3    . DC  B 1 10 ? -4.610  7.937   10.867  1.00 18.02  ? 20  DC  B N3    1 
ATOM   401 C C4    . DC  B 1 10 ? -5.325  6.885   11.261  1.00 16.02  ? 20  DC  B C4    1 
ATOM   402 N N4    . DC  B 1 10 ? -6.288  6.465   10.434  1.00 17.20  ? 20  DC  B N4    1 
ATOM   403 C C5    . DC  B 1 10 ? -5.045  6.235   12.491  1.00 16.78  ? 20  DC  B C5    1 
ATOM   404 C C6    . DC  B 1 10 ? -4.020  6.731   13.220  1.00 17.08  ? 20  DC  B C6    1 
HETATM 405 O O     . HOH C 2 .  ? 3.728   -4.642  -19.964 1.00 29.29  ? 22  HOH A O     1 
HETATM 406 O O     . HOH C 2 .  ? 6.427   -6.052  -4.245  1.00 43.12  ? 24  HOH A O     1 
HETATM 407 O O     . HOH C 2 .  ? 1.358   -6.404  7.455   1.00 48.59  ? 25  HOH A O     1 
HETATM 408 O O     . HOH C 2 .  ? 5.679   -4.941  -8.695  1.00 34.26  ? 28  HOH A O     1 
HETATM 409 O O     . HOH C 2 .  ? 6.361   -3.327  -4.572  1.00 36.21  ? 29  HOH A O     1 
HETATM 410 O O     . HOH C 2 .  ? 1.441   -14.555 -7.029  1.00 67.89  ? 30  HOH A O     1 
HETATM 411 O O     . HOH C 2 .  ? 3.643   -8.081  6.906   1.00 60.97  ? 32  HOH A O     1 
HETATM 412 O O     . HOH C 2 .  ? 10.498  -1.536  4.835   1.00 59.17  ? 38  HOH A O     1 
HETATM 413 O O     . HOH C 2 .  ? 5.046   0.950   4.030   1.00 77.95  ? 40  HOH A O     1 
HETATM 414 O O     . HOH C 2 .  ? 7.422   -9.504  -9.237  1.00 82.58  ? 42  HOH A O     1 
HETATM 415 O O     . HOH C 2 .  ? -0.928  -8.768  3.691   1.00 44.06  ? 43  HOH A O     1 
HETATM 416 O O     . HOH C 2 .  ? 10.941  -2.523  7.370   1.00 46.04  ? 45  HOH A O     1 
HETATM 417 O O     . HOH C 2 .  ? 10.695  -8.515  2.207   1.00 70.52  ? 47  HOH A O     1 
HETATM 418 O O     . HOH C 2 .  ? 5.862   -2.398  -7.735  1.00 42.83  ? 49  HOH A O     1 
HETATM 419 O O     . HOH C 2 .  ? 4.992   -9.553  -15.164 1.00 60.55  ? 50  HOH A O     1 
HETATM 420 O O     . HOH C 2 .  ? 4.424   -1.390  1.220   1.00 60.19  ? 51  HOH A O     1 
HETATM 421 O O     . HOH C 2 .  ? 8.880   -12.637 -2.034  1.00 93.27  ? 53  HOH A O     1 
HETATM 422 O O     . HOH C 2 .  ? 6.596   -7.398  -7.656  1.00 67.13  ? 55  HOH A O     1 
HETATM 423 O O     . HOH C 2 .  ? 8.485   8.463   6.109   1.00 81.26  ? 57  HOH A O     1 
HETATM 424 O O     . HOH C 2 .  ? 10.817  2.044   10.155  1.00 77.70  ? 58  HOH A O     1 
HETATM 425 O O     . HOH C 2 .  ? -0.785  -1.198  -13.711 1.00 31.11  ? 59  HOH A O     1 
HETATM 426 O O     . HOH C 2 .  ? -6.754  7.507   3.722   1.00 75.20  ? 60  HOH A O     1 
HETATM 427 O O     . HOH C 2 .  ? 9.725   -5.017  6.992   1.00 45.56  ? 61  HOH A O     1 
HETATM 428 O O     . HOH C 2 .  ? 6.145   -6.014  -13.077 1.00 90.04  ? 63  HOH A O     1 
HETATM 429 O O     . HOH C 2 .  ? 7.198   -7.535  7.233   1.00 74.45  ? 65  HOH A O     1 
HETATM 430 O O     . HOH C 2 .  ? 2.941   2.825   3.977   1.00 79.71  ? 66  HOH A O     1 
HETATM 431 O O     . HOH C 2 .  ? 5.750   -8.772  -17.594 1.00 77.60  ? 72  HOH A O     1 
HETATM 432 O O     . HOH C 2 .  ? 0.891   9.568   9.673   1.00 55.38  ? 77  HOH A O     1 
HETATM 433 O O     . HOH C 2 .  ? -0.825  7.671   2.003   1.00 60.66  ? 79  HOH A O     1 
HETATM 434 O O     . HOH C 2 .  ? -0.056  -10.238 -16.497 1.00 64.94  ? 81  HOH A O     1 
HETATM 435 O O     . HOH C 2 .  ? 7.140   -3.936  -11.430 1.00 76.15  ? 84  HOH A O     1 
HETATM 436 O O     . HOH C 2 .  ? 6.016   -11.679 -9.936  1.00 64.81  ? 89  HOH A O     1 
HETATM 437 O O     . HOH C 2 .  ? 5.082   -0.582  -5.749  1.00 82.78  ? 90  HOH A O     1 
HETATM 438 O O     . HOH C 2 .  ? 7.064   -8.771  -13.559 1.00 87.52  ? 91  HOH A O     1 
HETATM 439 O O     . HOH C 2 .  ? 9.489   3.601   6.327   1.00 54.88  ? 92  HOH A O     1 
HETATM 440 O O     . HOH C 2 .  ? 1.922   -0.344  0.977   1.00 115.54 ? 96  HOH A O     1 
HETATM 441 O O     . HOH C 2 .  ? -3.288  15.550  0.189   1.00 83.59  ? 97  HOH A O     1 
HETATM 442 O O     . HOH C 2 .  ? -5.696  8.788   1.600   1.00 62.08  ? 98  HOH A O     1 
HETATM 443 O O     . HOH C 2 .  ? 5.680   -1.956  -1.345  1.00 56.77  ? 101 HOH A O     1 
HETATM 444 O O     . HOH C 2 .  ? 9.815   4.604   9.006   1.00 59.30  ? 103 HOH A O     1 
HETATM 445 O O     . HOH C 2 .  ? 3.505   -13.890 -5.367  1.00 64.22  ? 104 HOH A O     1 
HETATM 446 O O     . HOH C 2 .  ? 0.885   1.319   2.966   1.00 91.76  ? 105 HOH A O     1 
HETATM 447 O O     . HOH C 2 .  ? 8.053   -4.750  -6.241  1.00 65.94  ? 106 HOH A O     1 
HETATM 448 O O     . HOH C 2 .  ? 0.241   -7.732  -17.344 1.00 83.04  ? 107 HOH A O     1 
HETATM 449 O O     . HOH C 2 .  ? 2.449   -10.296 -15.595 1.00 58.79  ? 108 HOH A O     1 
HETATM 450 O O     . HOH C 2 .  ? 6.908   -3.662  0.547   1.00 94.93  ? 109 HOH A O     1 
HETATM 451 O O     . HOH C 2 .  ? -9.414  9.398   1.696   1.00 80.96  ? 110 HOH A O     1 
HETATM 452 O O     . HOH C 2 .  ? 1.144   -8.293  5.466   1.00 88.39  ? 112 HOH A O     1 
HETATM 453 O O     . HOH C 2 .  ? 8.280   6.183   4.500   1.00 95.14  ? 113 HOH A O     1 
HETATM 454 O O     . HOH C 2 .  ? -1.999  -1.609  -16.104 1.00 85.88  ? 114 HOH A O     1 
HETATM 455 O O     . HOH C 2 .  ? -4.832  5.933   2.680   1.00 84.62  ? 115 HOH A O     1 
HETATM 456 O O     . HOH C 2 .  ? 4.068   5.768   3.509   1.00 98.94  ? 116 HOH A O     1 
HETATM 457 O O     . HOH C 2 .  ? 6.587   12.436  3.307   1.00 90.12  ? 117 HOH A O     1 
HETATM 458 O O     . HOH C 2 .  ? 8.269   6.840   8.799   1.00 84.54  ? 118 HOH A O     1 
HETATM 459 O O     . HOH C 2 .  ? -2.245  5.650   3.332   1.00 72.25  ? 119 HOH A O     1 
HETATM 460 O O     . HOH C 2 .  ? 1.547   -6.094  -19.313 1.00 101.04 ? 120 HOH A O     1 
HETATM 461 O O     . HOH D 2 .  ? -0.388  -0.208  -0.627  1.00 41.05  ? 21  HOH B O     1 
HETATM 462 O O     . HOH D 2 .  ? 11.369  3.058   -9.866  1.00 53.97  ? 23  HOH B O     1 
HETATM 463 O O     . HOH D 2 .  ? -7.241  -2.505  3.921   1.00 48.36  ? 26  HOH B O     1 
HETATM 464 O O     . HOH D 2 .  ? 4.226   12.745  -9.091  1.00 67.26  ? 27  HOH B O     1 
HETATM 465 O O     . HOH D 2 .  ? -6.443  -0.466  -0.459  1.00 57.93  ? 31  HOH B O     1 
HETATM 466 O O     . HOH D 2 .  ? -5.142  1.591   19.173  1.00 62.04  ? 33  HOH B O     1 
HETATM 467 O O     . HOH D 2 .  ? -8.090  -0.851  10.582  1.00 60.44  ? 34  HOH B O     1 
HETATM 468 O O     . HOH D 2 .  ? -5.236  -0.446  3.699   1.00 45.41  ? 35  HOH B O     1 
HETATM 469 O O     . HOH D 2 .  ? 2.009   6.103   -5.917  1.00 47.65  ? 36  HOH B O     1 
HETATM 470 O O     . HOH D 2 .  ? -7.017  4.063   14.396  1.00 42.94  ? 37  HOH B O     1 
HETATM 471 O O     . HOH D 2 .  ? -7.393  3.666   7.616   1.00 54.74  ? 39  HOH B O     1 
HETATM 472 O O     . HOH D 2 .  ? -8.313  3.256   -5.217  1.00 58.52  ? 41  HOH B O     1 
HETATM 473 O O     . HOH D 2 .  ? 1.911   3.437   -5.410  1.00 59.84  ? 44  HOH B O     1 
HETATM 474 O O     . HOH D 2 .  ? -8.051  -3.026  7.343   1.00 64.96  ? 46  HOH B O     1 
HETATM 475 O O     . HOH D 2 .  ? -2.630  8.502   19.428  1.00 46.38  ? 48  HOH B O     1 
HETATM 476 O O     . HOH D 2 .  ? -7.479  4.270   11.653  1.00 50.09  ? 52  HOH B O     1 
HETATM 477 O O     . HOH D 2 .  ? -13.243 -3.354  -1.504  1.00 90.24  ? 54  HOH B O     1 
HETATM 478 O O     . HOH D 2 .  ? -2.425  0.942   18.845  1.00 106.77 ? 56  HOH B O     1 
HETATM 479 O O     . HOH D 2 .  ? -2.992  0.035   -1.975  1.00 50.29  ? 62  HOH B O     1 
HETATM 480 O O     . HOH D 2 .  ? -9.300  4.263   -10.675 1.00 107.73 ? 64  HOH B O     1 
HETATM 481 O O     . HOH D 2 .  ? -11.612 -7.966  -0.629  1.00 68.93  ? 67  HOH B O     1 
HETATM 482 O O     . HOH D 2 .  ? -3.718  -5.651  -6.099  1.00 55.64  ? 68  HOH B O     1 
HETATM 483 O O     . HOH D 2 .  ? 7.298   2.861   -7.140  1.00 91.58  ? 69  HOH B O     1 
HETATM 484 O O     . HOH D 2 .  ? -5.465  7.163   -6.583  1.00 63.73  ? 70  HOH B O     1 
HETATM 485 O O     . HOH D 2 .  ? -2.475  -1.057  -11.570 1.00 51.39  ? 71  HOH B O     1 
HETATM 486 O O     . HOH D 2 .  ? -7.705  -1.884  1.381   1.00 54.17  ? 73  HOH B O     1 
HETATM 487 O O     . HOH D 2 .  ? -11.257 -2.711  -5.857  1.00 69.18  ? 74  HOH B O     1 
HETATM 488 O O     . HOH D 2 .  ? -3.862  2.525   -4.304  1.00 76.02  ? 75  HOH B O     1 
HETATM 489 O O     . HOH D 2 .  ? -1.993  4.037   -5.706  1.00 77.80  ? 76  HOH B O     1 
HETATM 490 O O     . HOH D 2 .  ? -10.548 -7.040  -3.133  1.00 91.26  ? 78  HOH B O     1 
HETATM 491 O O     . HOH D 2 .  ? 1.927   9.871   -5.279  1.00 112.83 ? 80  HOH B O     1 
HETATM 492 O O     . HOH D 2 .  ? -7.050  -0.715  6.015   1.00 71.35  ? 82  HOH B O     1 
HETATM 493 O O     . HOH D 2 .  ? 10.102  0.529   -9.473  1.00 72.02  ? 83  HOH B O     1 
HETATM 494 O O     . HOH D 2 .  ? -4.377  0.584   1.101   1.00 70.37  ? 85  HOH B O     1 
HETATM 495 O O     . HOH D 2 .  ? -10.838 -5.163  7.958   1.00 93.19  ? 86  HOH B O     1 
HETATM 496 O O     . HOH D 2 .  ? -0.271  2.540   -4.159  1.00 40.75  ? 87  HOH B O     1 
HETATM 497 O O     . HOH D 2 .  ? -7.100  1.300   9.121   1.00 81.40  ? 88  HOH B O     1 
HETATM 498 O O     . HOH D 2 .  ? 2.124   0.930   -4.382  1.00 69.42  ? 93  HOH B O     1 
HETATM 499 O O     . HOH D 2 .  ? 9.057   4.907   -6.086  1.00 96.72  ? 94  HOH B O     1 
HETATM 500 O O     . HOH D 2 .  ? 10.054  2.685   -7.445  1.00 78.85  ? 95  HOH B O     1 
HETATM 501 O O     . HOH D 2 .  ? -7.463  6.105   -9.674  1.00 73.11  ? 99  HOH B O     1 
HETATM 502 O O     . HOH D 2 .  ? 0.924   1.652   -1.943  1.00 91.15  ? 100 HOH B O     1 
HETATM 503 O O     . HOH D 2 .  ? -7.878  -10.385 3.403   1.00 88.61  ? 102 HOH B O     1 
HETATM 504 O O     . HOH D 2 .  ? -7.260  1.448   11.987  1.00 91.82  ? 111 HOH B O     1 
HETATM 505 O O     . HOH D 2 .  ? -5.397  1.689   -2.152  1.00 102.43 ? 121 HOH B O     1 
# 
